data_7WSR
#
_entry.id   7WSR
#
_cell.length_a   1.00
_cell.length_b   1.00
_cell.length_c   1.00
_cell.angle_alpha   90.00
_cell.angle_beta   90.00
_cell.angle_gamma   90.00
#
_symmetry.space_group_name_H-M   'P 1'
#
loop_
_entity.id
_entity.type
_entity.pdbx_description
1 polymer 'Iron-phytosiderophore transporter'
2 non-polymer 'CHOLESTEROL HEMISUCCINATE'
#
_entity_poly.entity_id   1
_entity_poly.type   'polypeptide(L)'
_entity_poly.pdbx_seq_one_letter_code
;MDIVAPDRTRIAPEIDRDEALEGDRESDPALASTREWQLEDMPRWQDELTVRGLVAALLIGFIYTVIVMKIALTTGLVPT
LNVSAALLSFLALRGWTRLLERFGVVSRPFTRQENTIVQTCGVACYTIAFAGGFGSTLLGLNKKTYELAGDSPGNVPGSW
KEPGIGWMTGFLLACSFGGLLTLIPLRQVLVVDYKLVYPSGTATAILINGFHTDQGDKNSRKQIRGFLKYFGGSFLWSFF
QWFYTGGDACGFVQFPTFGLKAWKQTFYFDFSMTYVGAGMICPHIVNISTLLGAIISWGIMWPLISKNKGDWYPAKVPES
SMKSLYGYKAFICIALIMGDGMYHFIKIVGITAMSMYRQFSHKQVNNKAKNADDTVSLEELHRQEIFKRGHIPSWMAYAG
YALFSVLAVVTIPVMFKQVKWYYVVIAYVVAPMLGFANSYGTGLTDINMGYNYGKIALFVFAGWAGKENGVIAGLVAGTL
VKQLVLISADLMQDFKTSYLTQTSPKSMMIAQVVGTAMGCIVSPLTFMLFYKAFDIGNPDGTWKAPYALIYRNMAILGVE
GFSVLPKYCIVISGGFFAFAAILSITRDVMPHKYAKYVPLPMAMAVPFLVGGSFAIDMCLGSLIVFAWTKINKKEAGFMV
PAVASALICGDGIWTFPASILALAKIKPPICMKFLPAATSAAHHHHHHHH
;
_entity_poly.pdbx_strand_id   A,B
#
loop_
_chem_comp.id
_chem_comp.type
_chem_comp.name
_chem_comp.formula
Y01 non-polymer 'CHOLESTEROL HEMISUCCINATE' 'C31 H50 O4'
#
# COMPACT_ATOMS: atom_id res chain seq x y z
N GLN A 46 6.43 -38.88 30.81
CA GLN A 46 7.70 -38.77 30.10
C GLN A 46 7.48 -38.31 28.66
N ASP A 47 8.58 -38.15 27.93
CA ASP A 47 8.62 -37.72 26.53
C ASP A 47 8.18 -36.27 26.35
N GLU A 48 7.77 -35.59 27.41
CA GLU A 48 7.39 -34.19 27.36
C GLU A 48 8.27 -33.32 28.25
N LEU A 49 8.60 -33.79 29.44
CA LEU A 49 9.54 -33.10 30.34
C LEU A 49 10.92 -33.71 30.13
N THR A 50 11.81 -32.97 29.48
CA THR A 50 13.14 -33.45 29.15
C THR A 50 14.19 -32.48 29.69
N VAL A 51 15.39 -33.00 29.91
CA VAL A 51 16.49 -32.17 30.38
C VAL A 51 16.91 -31.17 29.31
N ARG A 52 16.93 -31.60 28.05
CA ARG A 52 17.27 -30.69 26.96
C ARG A 52 16.23 -29.59 26.83
N GLY A 53 14.96 -29.90 27.11
CA GLY A 53 13.92 -28.89 27.05
C GLY A 53 14.11 -27.82 28.12
N LEU A 54 14.48 -28.24 29.33
CA LEU A 54 14.72 -27.27 30.40
C LEU A 54 15.88 -26.34 30.06
N VAL A 55 16.95 -26.90 29.49
CA VAL A 55 18.10 -26.09 29.11
C VAL A 55 17.71 -25.10 28.02
N ALA A 56 16.98 -25.57 27.00
CA ALA A 56 16.55 -24.68 25.92
C ALA A 56 15.61 -23.60 26.42
N ALA A 57 14.68 -23.98 27.31
CA ALA A 57 13.74 -22.99 27.84
C ALA A 57 14.45 -21.93 28.68
N LEU A 58 15.46 -22.33 29.45
CA LEU A 58 16.23 -21.37 30.22
C LEU A 58 16.96 -20.39 29.32
N LEU A 59 17.55 -20.89 28.23
CA LEU A 59 18.25 -20.02 27.30
C LEU A 59 17.29 -19.08 26.59
N ILE A 60 16.16 -19.59 26.13
CA ILE A 60 15.16 -18.75 25.47
C ILE A 60 14.58 -17.75 26.47
N GLY A 61 14.27 -18.21 27.67
CA GLY A 61 13.75 -17.31 28.68
C GLY A 61 14.72 -16.22 29.08
N PHE A 62 16.02 -16.54 29.10
CA PHE A 62 17.02 -15.54 29.48
C PHE A 62 17.17 -14.47 28.41
N ILE A 63 17.29 -14.87 27.15
CA ILE A 63 17.51 -13.89 26.08
C ILE A 63 16.27 -13.03 25.88
N TYR A 64 15.08 -13.62 26.01
CA TYR A 64 13.85 -12.85 25.87
C TYR A 64 13.68 -11.88 27.03
N THR A 65 14.17 -12.25 28.22
CA THR A 65 14.12 -11.34 29.36
C THR A 65 14.94 -10.08 29.10
N VAL A 66 16.13 -10.25 28.52
CA VAL A 66 16.99 -9.11 28.23
C VAL A 66 16.33 -8.19 27.21
N ILE A 67 15.73 -8.78 26.17
CA ILE A 67 15.05 -7.97 25.15
C ILE A 67 13.87 -7.22 25.77
N VAL A 68 13.06 -7.91 26.57
CA VAL A 68 11.88 -7.27 27.16
C VAL A 68 12.30 -6.21 28.17
N MET A 69 13.30 -6.51 28.99
CA MET A 69 13.71 -5.57 30.04
C MET A 69 14.30 -4.29 29.43
N LYS A 70 15.21 -4.43 28.47
CA LYS A 70 15.87 -3.25 27.91
C LYS A 70 14.87 -2.37 27.16
N ILE A 71 13.96 -2.97 26.41
CA ILE A 71 12.95 -2.20 25.70
C ILE A 71 12.04 -1.48 26.69
N ALA A 72 11.68 -2.15 27.78
CA ALA A 72 10.83 -1.52 28.79
C ALA A 72 11.54 -0.35 29.46
N LEU A 73 12.85 -0.49 29.70
CA LEU A 73 13.62 0.55 30.36
C LEU A 73 14.02 1.70 29.45
N THR A 74 13.80 1.58 28.14
CA THR A 74 14.15 2.62 27.19
C THR A 74 12.94 3.25 26.52
N THR A 75 12.00 2.44 26.05
CA THR A 75 10.79 2.95 25.39
C THR A 75 9.51 2.62 26.14
N GLY A 76 9.46 1.48 26.83
CA GLY A 76 8.27 1.06 27.53
C GLY A 76 7.26 0.32 26.69
N LEU A 77 7.50 0.19 25.38
CA LEU A 77 6.59 -0.50 24.48
C LEU A 77 7.03 -1.96 24.41
N VAL A 78 6.55 -2.75 25.37
CA VAL A 78 6.95 -4.15 25.47
C VAL A 78 6.29 -4.92 24.31
N PRO A 79 7.07 -5.62 23.49
CA PRO A 79 6.47 -6.40 22.41
C PRO A 79 5.91 -7.73 22.90
N THR A 80 4.98 -8.27 22.12
CA THR A 80 4.43 -9.60 22.37
C THR A 80 5.27 -10.62 21.61
N LEU A 81 6.02 -11.44 22.34
CA LEU A 81 6.98 -12.36 21.74
C LEU A 81 6.60 -13.82 21.96
N ASN A 82 5.31 -14.10 22.16
CA ASN A 82 4.88 -15.47 22.38
C ASN A 82 5.04 -16.33 21.13
N VAL A 83 4.72 -15.79 19.97
CA VAL A 83 4.82 -16.56 18.72
C VAL A 83 6.27 -16.83 18.38
N SER A 84 7.15 -15.84 18.58
CA SER A 84 8.55 -16.00 18.23
C SER A 84 9.21 -17.08 19.08
N ALA A 85 8.74 -17.26 20.32
CA ALA A 85 9.30 -18.29 21.19
C ALA A 85 9.06 -19.69 20.64
N ALA A 86 7.90 -19.92 20.02
CA ALA A 86 7.61 -21.23 19.46
C ALA A 86 8.59 -21.58 18.34
N LEU A 87 8.86 -20.61 17.46
CA LEU A 87 9.81 -20.86 16.37
C LEU A 87 11.22 -21.08 16.90
N LEU A 88 11.65 -20.26 17.86
CA LEU A 88 12.99 -20.40 18.40
C LEU A 88 13.16 -21.71 19.14
N SER A 89 12.09 -22.17 19.80
CA SER A 89 12.15 -23.47 20.48
C SER A 89 12.37 -24.59 19.47
N PHE A 90 11.70 -24.52 18.33
CA PHE A 90 11.86 -25.55 17.30
C PHE A 90 13.27 -25.52 16.72
N LEU A 91 13.76 -24.34 16.37
CA LEU A 91 15.08 -24.22 15.75
C LEU A 91 16.18 -24.67 16.70
N ALA A 92 16.10 -24.27 17.96
CA ALA A 92 17.15 -24.59 18.92
C ALA A 92 17.23 -26.09 19.17
N LEU A 93 16.08 -26.73 19.38
CA LEU A 93 16.09 -28.15 19.71
C LEU A 93 16.37 -29.02 18.48
N ARG A 94 15.80 -28.66 17.33
CA ARG A 94 16.09 -29.41 16.11
C ARG A 94 17.56 -29.32 15.75
N GLY A 95 18.16 -28.13 15.90
CA GLY A 95 19.58 -28.01 15.66
C GLY A 95 20.41 -28.86 16.61
N TRP A 96 19.97 -28.93 17.88
CA TRP A 96 20.67 -29.79 18.84
C TRP A 96 20.54 -31.27 18.46
N THR A 97 19.34 -31.69 18.05
CA THR A 97 19.16 -33.08 17.64
C THR A 97 19.96 -33.39 16.38
N ARG A 98 19.94 -32.49 15.41
CA ARG A 98 20.68 -32.71 14.17
C ARG A 98 22.20 -32.66 14.41
N LEU A 99 22.65 -31.83 15.35
CA LEU A 99 24.05 -31.82 15.71
C LEU A 99 24.48 -33.17 16.28
N LEU A 100 23.64 -33.76 17.13
CA LEU A 100 23.93 -35.10 17.64
C LEU A 100 23.90 -36.13 16.52
N GLU A 101 22.97 -35.98 15.57
CA GLU A 101 22.91 -36.89 14.43
C GLU A 101 24.17 -36.79 13.58
N ARG A 102 24.68 -35.57 13.38
CA ARG A 102 25.88 -35.39 12.58
C ARG A 102 27.09 -36.04 13.24
N PHE A 103 27.19 -35.96 14.56
CA PHE A 103 28.27 -36.59 15.31
C PHE A 103 27.99 -38.04 15.64
N GLY A 104 26.83 -38.57 15.27
CA GLY A 104 26.48 -39.95 15.53
C GLY A 104 25.80 -40.20 16.86
N VAL A 105 25.62 -39.18 17.68
CA VAL A 105 24.95 -39.36 18.97
C VAL A 105 23.45 -39.50 18.75
N VAL A 106 22.85 -40.47 19.42
CA VAL A 106 21.42 -40.75 19.31
C VAL A 106 20.68 -40.01 20.41
N SER A 107 19.49 -39.50 20.09
CA SER A 107 18.68 -38.76 21.03
C SER A 107 17.22 -39.14 20.87
N ARG A 108 16.41 -38.82 21.88
CA ARG A 108 14.99 -39.10 21.83
C ARG A 108 14.33 -38.26 20.74
N PRO A 109 13.30 -38.78 20.07
CA PRO A 109 12.63 -37.99 19.03
C PRO A 109 12.01 -36.72 19.60
N PHE A 110 12.06 -35.65 18.81
CA PHE A 110 11.52 -34.36 19.20
C PHE A 110 10.08 -34.25 18.70
N THR A 111 9.12 -34.38 19.61
CA THR A 111 7.71 -34.41 19.26
C THR A 111 7.07 -33.03 19.47
N ARG A 112 5.80 -32.92 19.07
CA ARG A 112 5.08 -31.66 19.21
C ARG A 112 4.78 -31.35 20.67
N GLN A 113 4.51 -32.37 21.48
CA GLN A 113 4.26 -32.14 22.90
C GLN A 113 5.49 -31.55 23.59
N GLU A 114 6.69 -32.03 23.22
CA GLU A 114 7.91 -31.49 23.79
C GLU A 114 8.09 -30.03 23.40
N ASN A 115 7.76 -29.69 22.15
CA ASN A 115 7.89 -28.31 21.69
C ASN A 115 6.97 -27.38 22.48
N THR A 116 5.74 -27.82 22.76
CA THR A 116 4.81 -27.00 23.52
C THR A 116 5.33 -26.76 24.93
N ILE A 117 5.89 -27.78 25.57
CA ILE A 117 6.41 -27.63 26.93
C ILE A 117 7.54 -26.62 26.97
N VAL A 118 8.46 -26.69 26.00
CA VAL A 118 9.59 -25.76 25.96
C VAL A 118 9.13 -24.33 25.81
N GLN A 119 8.18 -24.09 24.89
CA GLN A 119 7.62 -22.76 24.75
C GLN A 119 6.90 -22.33 26.02
N THR A 120 6.17 -23.26 26.65
CA THR A 120 5.45 -22.95 27.87
C THR A 120 6.40 -22.50 28.99
N CYS A 121 7.48 -23.26 29.21
CA CYS A 121 8.45 -22.87 30.22
C CYS A 121 9.16 -21.58 29.83
N GLY A 122 9.49 -21.42 28.56
CA GLY A 122 10.16 -20.21 28.11
C GLY A 122 9.28 -18.97 28.23
N VAL A 123 8.00 -19.10 27.88
CA VAL A 123 7.09 -17.94 27.92
C VAL A 123 6.95 -17.43 29.35
N ALA A 124 6.75 -18.34 30.31
CA ALA A 124 6.56 -17.92 31.69
C ALA A 124 7.81 -17.29 32.28
N CYS A 125 8.99 -17.60 31.71
CA CYS A 125 10.22 -17.05 32.25
C CYS A 125 10.33 -15.56 32.02
N TYR A 126 10.07 -15.11 30.79
CA TYR A 126 10.18 -13.70 30.47
C TYR A 126 8.86 -12.95 30.62
N THR A 127 7.76 -13.66 30.89
CA THR A 127 6.50 -12.96 31.12
C THR A 127 6.56 -12.10 32.38
N ILE A 128 7.24 -12.59 33.42
CA ILE A 128 7.42 -11.83 34.64
C ILE A 128 8.22 -10.56 34.40
N ALA A 129 9.01 -10.51 33.33
CA ALA A 129 9.84 -9.33 33.07
C ALA A 129 8.97 -8.10 32.85
N PHE A 130 7.86 -8.23 32.12
CA PHE A 130 6.97 -7.11 31.91
C PHE A 130 5.70 -7.17 32.74
N ALA A 131 5.22 -8.36 33.08
CA ALA A 131 4.05 -8.47 33.93
C ALA A 131 4.37 -8.14 35.39
N GLY A 132 5.62 -8.20 35.78
CA GLY A 132 6.04 -7.84 37.12
C GLY A 132 6.22 -6.36 37.36
N GLY A 133 6.01 -5.53 36.33
CA GLY A 133 6.14 -4.10 36.48
C GLY A 133 7.54 -3.61 36.76
N PHE A 134 8.54 -4.26 36.16
CA PHE A 134 9.92 -3.83 36.39
C PHE A 134 10.20 -2.47 35.78
N GLY A 135 9.59 -2.17 34.63
CA GLY A 135 9.73 -0.89 33.99
C GLY A 135 8.58 0.07 34.17
N SER A 136 7.51 -0.37 34.83
CA SER A 136 6.32 0.46 35.01
C SER A 136 6.05 0.80 36.47
N THR A 137 5.91 -0.21 37.33
CA THR A 137 5.49 0.02 38.71
C THR A 137 6.63 -0.14 39.72
N LEU A 138 7.35 -1.27 39.67
CA LEU A 138 8.45 -1.47 40.60
C LEU A 138 9.54 -0.44 40.38
N LEU A 139 9.67 0.09 39.17
CA LEU A 139 10.59 1.19 38.92
C LEU A 139 10.02 2.52 39.42
N GLY A 140 8.71 2.61 39.62
CA GLY A 140 8.11 3.83 40.13
C GLY A 140 8.31 4.06 41.61
N LEU A 141 8.84 3.08 42.33
CA LEU A 141 9.10 3.20 43.75
C LEU A 141 10.46 3.84 44.06
N ASN A 142 11.27 4.12 43.04
CA ASN A 142 12.62 4.63 43.28
C ASN A 142 12.59 6.06 43.79
N LYS A 143 13.67 6.46 44.44
CA LYS A 143 13.84 7.86 44.83
C LYS A 143 13.98 8.74 43.60
N LYS A 144 14.61 8.24 42.54
CA LYS A 144 14.73 9.02 41.31
C LYS A 144 13.36 9.34 40.72
N THR A 145 12.47 8.35 40.69
CA THR A 145 11.11 8.58 40.23
C THR A 145 10.35 9.48 41.20
N TYR A 146 10.64 9.37 42.50
CA TYR A 146 9.98 10.23 43.49
C TYR A 146 10.31 11.69 43.25
N GLU A 147 11.58 11.99 42.94
CA GLU A 147 11.97 13.38 42.70
C GLU A 147 11.38 13.92 41.41
N LEU A 148 11.25 13.08 40.38
CA LEU A 148 10.68 13.53 39.12
C LEU A 148 9.20 13.90 39.28
N ALA A 149 8.49 13.20 40.15
CA ALA A 149 7.08 13.49 40.37
C ALA A 149 6.89 14.90 40.93
N GLY A 150 7.78 15.33 41.83
CA GLY A 150 7.70 16.66 42.38
C GLY A 150 6.91 16.73 43.67
N ASP A 151 6.73 17.95 44.14
CA ASP A 151 6.01 18.20 45.39
C ASP A 151 4.51 18.22 45.11
N SER A 152 3.80 17.25 45.66
CA SER A 152 2.35 17.13 45.46
C SER A 152 1.77 16.36 46.63
N PRO A 153 0.48 16.52 46.91
CA PRO A 153 -0.15 15.72 47.97
C PRO A 153 -0.07 14.24 47.66
N GLY A 154 0.16 13.44 48.71
CA GLY A 154 0.33 12.02 48.59
C GLY A 154 1.78 11.60 48.39
N ASN A 155 2.57 12.42 47.71
CA ASN A 155 3.98 12.12 47.48
C ASN A 155 4.82 12.55 48.69
N VAL A 156 4.59 11.87 49.80
CA VAL A 156 5.25 12.18 51.07
C VAL A 156 6.72 11.81 50.97
N PRO A 157 7.58 12.40 51.81
CA PRO A 157 9.03 12.09 51.69
C PRO A 157 9.38 10.64 51.96
N GLY A 158 8.50 9.88 52.61
CA GLY A 158 8.79 8.50 52.95
C GLY A 158 8.05 7.49 52.12
N SER A 159 7.91 7.75 50.82
CA SER A 159 7.21 6.85 49.90
C SER A 159 8.09 6.51 48.71
N TRP A 160 9.34 6.16 49.00
CA TRP A 160 10.26 5.70 47.97
C TRP A 160 11.00 4.46 48.45
N LYS A 161 11.23 3.54 47.53
CA LYS A 161 11.89 2.28 47.84
C LYS A 161 12.95 1.97 46.79
N GLU A 162 14.11 1.51 47.23
CA GLU A 162 15.18 1.25 46.27
C GLU A 162 15.16 -0.20 45.82
N PRO A 163 15.50 -0.46 44.56
CA PRO A 163 15.51 -1.84 44.07
C PRO A 163 16.59 -2.68 44.74
N GLY A 164 16.33 -3.98 44.81
CA GLY A 164 17.29 -4.91 45.39
C GLY A 164 16.97 -6.32 44.95
N ILE A 165 18.02 -7.14 44.86
CA ILE A 165 17.85 -8.52 44.43
C ILE A 165 17.03 -9.29 45.44
N GLY A 166 17.31 -9.09 46.74
CA GLY A 166 16.69 -9.90 47.77
C GLY A 166 15.18 -9.72 47.85
N TRP A 167 14.73 -8.46 47.95
CA TRP A 167 13.30 -8.24 48.17
C TRP A 167 12.49 -8.44 46.89
N MET A 168 13.06 -8.09 45.74
CA MET A 168 12.37 -8.31 44.47
C MET A 168 12.15 -9.80 44.22
N THR A 169 13.17 -10.62 44.46
CA THR A 169 13.01 -12.06 44.32
C THR A 169 11.98 -12.59 45.30
N GLY A 170 12.03 -12.13 46.55
CA GLY A 170 11.03 -12.55 47.52
C GLY A 170 9.64 -12.05 47.20
N PHE A 171 9.54 -10.83 46.69
CA PHE A 171 8.24 -10.28 46.32
C PHE A 171 7.59 -11.09 45.21
N LEU A 172 8.36 -11.45 44.18
CA LEU A 172 7.81 -12.19 43.07
C LEU A 172 7.40 -13.60 43.49
N LEU A 173 8.27 -14.29 44.24
CA LEU A 173 7.99 -15.66 44.63
C LEU A 173 6.71 -15.75 45.46
N ALA A 174 6.42 -14.70 46.24
CA ALA A 174 5.20 -14.71 47.06
C ALA A 174 3.95 -14.60 46.20
N CYS A 175 4.01 -13.81 45.13
CA CYS A 175 2.80 -13.51 44.36
C CYS A 175 2.76 -14.18 42.99
N SER A 176 3.90 -14.59 42.43
CA SER A 176 3.89 -15.18 41.10
C SER A 176 3.18 -16.54 41.08
N PHE A 177 3.33 -17.33 42.13
CA PHE A 177 2.74 -18.66 42.19
C PHE A 177 1.29 -18.63 42.67
N GLY A 178 0.67 -17.46 42.71
CA GLY A 178 -0.73 -17.38 43.07
C GLY A 178 -1.63 -17.53 41.87
N GLY A 179 -1.24 -16.89 40.76
CA GLY A 179 -2.03 -16.99 39.54
C GLY A 179 -2.05 -18.39 38.95
N LEU A 180 -0.95 -19.14 39.12
CA LEU A 180 -0.87 -20.46 38.51
C LEU A 180 -1.92 -21.41 39.07
N LEU A 181 -2.16 -21.35 40.38
CA LEU A 181 -3.14 -22.23 40.99
C LEU A 181 -4.56 -21.93 40.49
N THR A 182 -4.88 -20.65 40.29
CA THR A 182 -6.19 -20.29 39.77
C THR A 182 -6.40 -20.78 38.34
N LEU A 183 -5.32 -21.03 37.60
CA LEU A 183 -5.44 -21.43 36.20
C LEU A 183 -6.05 -22.81 36.05
N ILE A 184 -5.80 -23.72 37.00
CA ILE A 184 -6.26 -25.10 36.84
C ILE A 184 -7.79 -25.18 36.74
N PRO A 185 -8.56 -24.57 37.64
CA PRO A 185 -10.02 -24.54 37.40
C PRO A 185 -10.41 -23.77 36.15
N LEU A 186 -9.64 -22.75 35.79
CA LEU A 186 -9.99 -21.93 34.64
C LEU A 186 -9.83 -22.68 33.33
N ARG A 187 -8.91 -23.65 33.26
CA ARG A 187 -8.70 -24.37 32.02
C ARG A 187 -9.94 -25.15 31.61
N GLN A 188 -10.59 -25.81 32.57
CA GLN A 188 -11.76 -26.63 32.24
C GLN A 188 -12.92 -25.78 31.77
N VAL A 189 -13.23 -24.70 32.49
CA VAL A 189 -14.42 -23.91 32.18
C VAL A 189 -14.23 -23.13 30.88
N LEU A 190 -13.03 -22.61 30.64
CA LEU A 190 -12.82 -21.73 29.50
C LEU A 190 -12.39 -22.47 28.24
N VAL A 191 -11.32 -23.27 28.33
CA VAL A 191 -10.79 -23.91 27.13
C VAL A 191 -11.72 -24.99 26.61
N VAL A 192 -12.21 -25.86 27.49
CA VAL A 192 -12.91 -27.08 27.08
C VAL A 192 -14.41 -26.97 27.24
N ASP A 193 -14.88 -26.15 28.18
CA ASP A 193 -16.33 -26.06 28.41
C ASP A 193 -16.94 -24.93 27.59
N TYR A 194 -16.47 -23.70 27.80
CA TYR A 194 -16.96 -22.56 27.03
C TYR A 194 -16.48 -22.61 25.59
N LYS A 195 -15.42 -23.36 25.32
CA LYS A 195 -14.86 -23.52 23.97
C LYS A 195 -14.45 -22.18 23.37
N LEU A 196 -13.93 -21.28 24.20
CA LEU A 196 -13.42 -20.01 23.69
C LEU A 196 -12.23 -20.26 22.77
N VAL A 197 -12.15 -19.49 21.69
CA VAL A 197 -11.07 -19.59 20.72
C VAL A 197 -10.03 -18.54 21.09
N TYR A 198 -8.82 -18.99 21.41
CA TYR A 198 -7.72 -18.08 21.66
C TYR A 198 -6.91 -17.96 20.37
N PRO A 199 -7.08 -16.87 19.61
CA PRO A 199 -6.41 -16.80 18.30
C PRO A 199 -4.90 -16.93 18.36
N SER A 200 -4.27 -16.34 19.38
CA SER A 200 -2.82 -16.53 19.53
C SER A 200 -2.50 -17.96 19.94
N GLY A 201 -3.31 -18.54 20.82
CA GLY A 201 -3.11 -19.93 21.18
C GLY A 201 -3.40 -20.88 20.03
N THR A 202 -4.47 -20.60 19.28
CA THR A 202 -4.79 -21.42 18.12
C THR A 202 -3.73 -21.32 17.03
N ALA A 203 -3.25 -20.10 16.76
CA ALA A 203 -2.25 -19.91 15.72
C ALA A 203 -0.94 -20.61 16.06
N THR A 204 -0.52 -20.50 17.32
CA THR A 204 0.71 -21.17 17.74
C THR A 204 0.56 -22.69 17.68
N ALA A 205 -0.61 -23.21 18.06
CA ALA A 205 -0.83 -24.65 18.03
C ALA A 205 -0.75 -25.19 16.62
N ILE A 206 -1.35 -24.50 15.66
CA ILE A 206 -1.26 -24.92 14.26
C ILE A 206 0.17 -24.80 13.75
N LEU A 207 0.88 -23.75 14.15
CA LEU A 207 2.28 -23.60 13.76
C LEU A 207 3.12 -24.74 14.33
N ILE A 208 2.90 -25.09 15.59
CA ILE A 208 3.67 -26.16 16.22
C ILE A 208 3.34 -27.50 15.59
N ASN A 209 2.06 -27.74 15.29
CA ASN A 209 1.67 -28.98 14.63
C ASN A 209 2.31 -29.09 13.26
N GLY A 210 2.34 -28.00 12.50
CA GLY A 210 2.89 -28.04 11.17
C GLY A 210 4.37 -28.42 11.15
N PHE A 211 5.11 -27.98 12.16
CA PHE A 211 6.53 -28.33 12.25
C PHE A 211 6.71 -29.84 12.40
N HIS A 212 5.89 -30.48 13.23
CA HIS A 212 6.05 -31.89 13.55
C HIS A 212 5.14 -32.81 12.74
N THR A 213 4.34 -32.25 11.83
CA THR A 213 3.45 -33.06 10.99
C THR A 213 4.21 -33.46 9.73
N ASP A 214 4.58 -34.73 9.64
CA ASP A 214 5.27 -35.26 8.47
C ASP A 214 4.42 -36.27 7.72
N GLN A 215 3.16 -36.47 8.13
CA GLN A 215 2.29 -37.41 7.46
C GLN A 215 1.88 -36.88 6.09
N GLY A 216 1.76 -37.79 5.12
CA GLY A 216 1.33 -37.42 3.79
C GLY A 216 -0.13 -37.73 3.54
N ASP A 217 -0.98 -36.71 3.58
CA ASP A 217 -2.42 -36.87 3.40
C ASP A 217 -2.87 -35.99 2.24
N LYS A 218 -4.12 -36.19 1.82
CA LYS A 218 -4.68 -35.38 0.75
C LYS A 218 -4.85 -33.93 1.17
N ASN A 219 -5.08 -33.69 2.47
CA ASN A 219 -5.26 -32.34 2.99
C ASN A 219 -4.06 -31.82 3.76
N SER A 220 -3.26 -32.71 4.37
CA SER A 220 -2.13 -32.27 5.16
C SER A 220 -1.11 -31.51 4.31
N ARG A 221 -0.85 -32.00 3.09
CA ARG A 221 0.08 -31.30 2.22
C ARG A 221 -0.43 -29.92 1.84
N LYS A 222 -1.73 -29.81 1.55
CA LYS A 222 -2.30 -28.52 1.19
C LYS A 222 -2.36 -27.57 2.40
N GLN A 223 -2.58 -28.12 3.60
CA GLN A 223 -2.59 -27.29 4.79
C GLN A 223 -1.24 -26.64 5.02
N ILE A 224 -0.16 -27.41 4.88
CA ILE A 224 1.18 -26.88 5.13
C ILE A 224 1.57 -25.89 4.05
N ARG A 225 1.37 -26.26 2.78
CA ARG A 225 1.74 -25.37 1.68
C ARG A 225 0.94 -24.08 1.71
N GLY A 226 -0.36 -24.16 1.98
CA GLY A 226 -1.15 -22.95 2.11
C GLY A 226 -0.70 -22.09 3.27
N PHE A 227 -0.28 -22.73 4.37
CA PHE A 227 0.26 -21.98 5.50
C PHE A 227 1.54 -21.25 5.13
N LEU A 228 2.43 -21.93 4.39
CA LEU A 228 3.73 -21.34 4.07
C LEU A 228 3.61 -20.14 3.14
N LYS A 229 2.66 -20.20 2.19
CA LYS A 229 2.52 -19.10 1.24
C LYS A 229 2.13 -17.80 1.94
N TYR A 230 1.17 -17.88 2.88
CA TYR A 230 0.75 -16.68 3.59
C TYR A 230 1.66 -16.33 4.76
N PHE A 231 2.37 -17.31 5.33
CA PHE A 231 3.32 -17.01 6.38
C PHE A 231 4.48 -16.17 5.84
N GLY A 232 5.01 -16.54 4.68
CA GLY A 232 6.07 -15.74 4.09
C GLY A 232 5.59 -14.38 3.63
N GLY A 233 4.38 -14.32 3.06
CA GLY A 233 3.85 -13.03 2.63
C GLY A 233 3.59 -12.09 3.78
N SER A 234 3.02 -12.61 4.88
CA SER A 234 2.77 -11.78 6.05
C SER A 234 4.06 -11.31 6.68
N PHE A 235 5.08 -12.18 6.75
CA PHE A 235 6.36 -11.78 7.32
C PHE A 235 7.03 -10.71 6.46
N LEU A 236 7.01 -10.87 5.13
CA LEU A 236 7.58 -9.88 4.25
C LEU A 236 6.79 -8.58 4.28
N TRP A 237 5.46 -8.66 4.39
CA TRP A 237 4.66 -7.45 4.50
C TRP A 237 4.99 -6.68 5.78
N SER A 238 5.12 -7.38 6.91
CA SER A 238 5.52 -6.73 8.15
C SER A 238 6.95 -6.22 8.06
N PHE A 239 7.82 -6.97 7.41
CA PHE A 239 9.20 -6.51 7.18
C PHE A 239 9.22 -5.26 6.32
N PHE A 240 8.39 -5.22 5.28
CA PHE A 240 8.35 -4.06 4.39
C PHE A 240 7.82 -2.82 5.10
N GLN A 241 6.79 -2.98 5.94
CA GLN A 241 6.21 -1.83 6.63
C GLN A 241 7.20 -1.17 7.57
N TRP A 242 8.20 -1.91 8.04
CA TRP A 242 9.09 -1.41 9.08
C TRP A 242 9.86 -0.18 8.62
N PHE A 243 10.23 -0.11 7.34
CA PHE A 243 11.07 0.98 6.85
C PHE A 243 10.33 2.30 6.76
N TYR A 244 9.00 2.32 6.87
CA TYR A 244 8.23 3.54 6.68
C TYR A 244 7.50 3.99 7.93
N THR A 245 7.63 3.27 9.04
CA THR A 245 7.08 3.72 10.32
C THR A 245 8.13 4.45 11.14
N GLY A 246 8.71 5.50 10.56
CA GLY A 246 9.84 6.17 11.17
C GLY A 246 9.50 7.48 11.84
N GLY A 247 8.40 7.51 12.58
CA GLY A 247 8.03 8.72 13.30
C GLY A 247 6.73 8.51 14.05
N ASP A 248 6.29 9.59 14.69
CA ASP A 248 5.03 9.56 15.42
C ASP A 248 3.85 9.58 14.44
N ALA A 249 3.10 8.48 14.42
CA ALA A 249 1.90 8.35 13.59
C ALA A 249 2.21 8.55 12.10
N CYS A 250 3.05 7.66 11.58
CA CYS A 250 3.26 7.57 10.14
C CYS A 250 3.62 6.15 9.78
N GLY A 251 3.13 5.70 8.63
CA GLY A 251 3.32 4.33 8.16
C GLY A 251 2.02 3.72 7.72
N PHE A 252 2.05 2.46 7.29
CA PHE A 252 0.83 1.78 6.91
C PHE A 252 -0.08 1.53 8.10
N VAL A 253 0.45 1.52 9.32
CA VAL A 253 -0.37 1.33 10.51
C VAL A 253 -1.31 2.53 10.69
N GLN A 254 -0.82 3.74 10.49
CA GLN A 254 -1.63 4.95 10.65
C GLN A 254 -2.13 5.43 9.29
N PHE A 255 -2.81 4.55 8.57
CA PHE A 255 -3.27 4.84 7.22
C PHE A 255 -4.71 5.32 7.25
N PRO A 256 -5.00 6.56 6.82
CA PRO A 256 -6.39 7.05 6.77
C PRO A 256 -7.18 6.51 5.59
N THR A 257 -7.64 5.27 5.72
CA THR A 257 -8.35 4.61 4.63
C THR A 257 -9.73 5.21 4.39
N PHE A 258 -10.28 5.95 5.36
CA PHE A 258 -11.58 6.59 5.22
C PHE A 258 -11.49 8.10 5.42
N GLY A 259 -10.31 8.67 5.30
CA GLY A 259 -10.12 10.11 5.45
C GLY A 259 -9.43 10.45 6.76
N LEU A 260 -8.94 11.69 6.82
CA LEU A 260 -8.25 12.15 8.02
C LEU A 260 -9.21 12.42 9.18
N LYS A 261 -10.43 12.86 8.87
CA LYS A 261 -11.42 13.08 9.93
C LYS A 261 -11.76 11.79 10.65
N ALA A 262 -11.96 10.71 9.90
CA ALA A 262 -12.23 9.42 10.52
C ALA A 262 -10.99 8.85 11.20
N TRP A 263 -9.81 9.12 10.66
CA TRP A 263 -8.59 8.61 11.28
C TRP A 263 -8.37 9.21 12.67
N LYS A 264 -8.61 10.52 12.81
CA LYS A 264 -8.48 11.14 14.13
C LYS A 264 -9.54 10.62 15.10
N GLN A 265 -10.61 10.04 14.57
CA GLN A 265 -11.61 9.37 15.38
C GLN A 265 -11.31 7.88 15.54
N THR A 266 -10.10 7.45 15.16
CA THR A 266 -9.66 6.06 15.26
C THR A 266 -10.62 5.12 14.54
N PHE A 267 -11.04 5.53 13.33
CA PHE A 267 -11.92 4.71 12.51
C PHE A 267 -11.26 4.41 11.17
N TYR A 268 -9.99 4.07 11.19
CA TYR A 268 -9.21 3.78 10.00
C TYR A 268 -8.98 2.28 9.90
N PHE A 269 -8.20 1.89 8.89
CA PHE A 269 -7.84 0.49 8.68
C PHE A 269 -6.33 0.38 8.65
N ASP A 270 -5.74 -0.03 9.76
CA ASP A 270 -4.33 -0.38 9.79
C ASP A 270 -4.13 -1.72 9.10
N PHE A 271 -3.01 -1.85 8.40
CA PHE A 271 -2.73 -3.06 7.64
C PHE A 271 -2.09 -4.13 8.53
N SER A 272 -2.75 -4.45 9.63
CA SER A 272 -2.25 -5.42 10.60
C SER A 272 -2.85 -6.78 10.29
N MET A 273 -2.00 -7.71 9.87
CA MET A 273 -2.45 -9.06 9.56
C MET A 273 -2.76 -9.88 10.81
N THR A 274 -2.26 -9.45 11.98
CA THR A 274 -2.60 -10.14 13.22
C THR A 274 -4.07 -9.98 13.55
N TYR A 275 -4.57 -8.75 13.49
CA TYR A 275 -5.99 -8.51 13.75
C TYR A 275 -6.88 -9.07 12.65
N VAL A 276 -6.44 -9.00 11.39
CA VAL A 276 -7.19 -9.62 10.30
C VAL A 276 -7.20 -11.14 10.48
N GLY A 277 -6.03 -11.71 10.80
CA GLY A 277 -5.96 -13.14 11.01
C GLY A 277 -6.73 -13.60 12.23
N ALA A 278 -6.73 -12.80 13.30
CA ALA A 278 -7.48 -13.17 14.50
C ALA A 278 -8.98 -13.18 14.23
N GLY A 279 -9.47 -12.20 13.47
CA GLY A 279 -10.89 -12.11 13.19
C GLY A 279 -11.42 -13.21 12.29
N MET A 280 -10.53 -13.88 11.56
CA MET A 280 -10.98 -14.95 10.66
C MET A 280 -11.45 -16.18 11.44
N ILE A 281 -10.78 -16.49 12.56
CA ILE A 281 -11.10 -17.68 13.34
C ILE A 281 -12.06 -17.38 14.48
N CYS A 282 -12.51 -16.14 14.61
CA CYS A 282 -13.49 -15.78 15.63
C CYS A 282 -14.90 -15.84 15.05
N PRO A 283 -15.90 -16.15 15.88
CA PRO A 283 -17.28 -16.13 15.38
C PRO A 283 -17.71 -14.73 14.99
N HIS A 284 -18.66 -14.67 14.05
CA HIS A 284 -19.08 -13.38 13.50
C HIS A 284 -19.70 -12.49 14.56
N ILE A 285 -20.38 -13.09 15.56
CA ILE A 285 -21.02 -12.27 16.58
C ILE A 285 -19.98 -11.51 17.40
N VAL A 286 -18.82 -12.10 17.64
CA VAL A 286 -17.74 -11.40 18.34
C VAL A 286 -17.23 -10.24 17.48
N ASN A 287 -17.01 -10.49 16.19
CA ASN A 287 -16.50 -9.44 15.32
C ASN A 287 -17.51 -8.30 15.16
N ILE A 288 -18.79 -8.63 15.02
CA ILE A 288 -19.83 -7.60 14.93
C ILE A 288 -19.92 -6.82 16.23
N SER A 289 -19.86 -7.51 17.37
CA SER A 289 -19.95 -6.82 18.66
C SER A 289 -18.79 -5.85 18.85
N THR A 290 -17.61 -6.22 18.34
CA THR A 290 -16.46 -5.32 18.42
C THR A 290 -16.72 -4.03 17.65
N LEU A 291 -17.35 -4.13 16.47
CA LEU A 291 -17.68 -2.95 15.69
C LEU A 291 -18.69 -2.07 16.41
N LEU A 292 -19.67 -2.68 17.08
CA LEU A 292 -20.66 -1.90 17.82
C LEU A 292 -20.01 -1.10 18.95
N GLY A 293 -19.05 -1.70 19.65
CA GLY A 293 -18.37 -0.99 20.72
C GLY A 293 -17.62 0.23 20.22
N ALA A 294 -16.99 0.12 19.05
CA ALA A 294 -16.28 1.26 18.47
C ALA A 294 -17.25 2.37 18.09
N ILE A 295 -18.39 2.02 17.49
CA ILE A 295 -19.36 3.03 17.07
C ILE A 295 -19.98 3.72 18.29
N ILE A 296 -20.34 2.95 19.31
CA ILE A 296 -20.96 3.53 20.49
C ILE A 296 -19.98 4.43 21.24
N SER A 297 -18.74 3.99 21.39
CA SER A 297 -17.76 4.74 22.18
C SER A 297 -17.15 5.87 21.36
N TRP A 298 -16.44 5.52 20.28
CA TRP A 298 -15.70 6.52 19.51
C TRP A 298 -16.57 7.30 18.55
N GLY A 299 -17.71 6.75 18.13
CA GLY A 299 -18.56 7.44 17.18
C GLY A 299 -19.66 8.24 17.83
N ILE A 300 -20.04 7.90 19.05
CA ILE A 300 -21.17 8.54 19.71
C ILE A 300 -20.76 9.13 21.06
N MET A 301 -20.25 8.28 21.96
CA MET A 301 -20.08 8.68 23.35
C MET A 301 -18.96 9.70 23.51
N TRP A 302 -17.74 9.34 23.11
CA TRP A 302 -16.62 10.26 23.29
C TRP A 302 -16.81 11.60 22.58
N PRO A 303 -17.32 11.68 21.35
CA PRO A 303 -17.60 13.01 20.78
C PRO A 303 -18.59 13.82 21.61
N LEU A 304 -19.61 13.17 22.18
CA LEU A 304 -20.59 13.90 22.98
C LEU A 304 -20.02 14.34 24.32
N ILE A 305 -19.28 13.45 24.99
CA ILE A 305 -18.71 13.79 26.29
C ILE A 305 -17.63 14.86 26.14
N SER A 306 -16.87 14.80 25.05
CA SER A 306 -15.79 15.78 24.85
C SER A 306 -16.34 17.18 24.59
N LYS A 307 -17.64 17.30 24.35
CA LYS A 307 -18.26 18.59 24.09
C LYS A 307 -18.38 19.40 25.38
N ASN A 308 -18.09 18.76 26.52
CA ASN A 308 -18.14 19.39 27.84
C ASN A 308 -16.76 19.46 28.45
N LYS A 309 -15.76 19.84 27.65
CA LYS A 309 -14.38 19.86 28.11
C LYS A 309 -14.11 20.94 29.16
N GLY A 310 -15.03 21.88 29.35
CA GLY A 310 -14.81 22.93 30.32
C GLY A 310 -15.73 22.84 31.53
N ASP A 311 -16.82 22.07 31.39
CA ASP A 311 -17.81 21.98 32.45
C ASP A 311 -17.65 20.71 33.29
N TRP A 312 -17.67 19.55 32.64
CA TRP A 312 -17.62 18.30 33.39
C TRP A 312 -16.25 18.04 34.01
N TYR A 313 -15.19 18.24 33.25
CA TYR A 313 -13.84 18.01 33.72
C TYR A 313 -12.97 19.20 33.32
N PRO A 314 -11.90 19.47 34.06
CA PRO A 314 -11.03 20.60 33.71
C PRO A 314 -10.38 20.41 32.35
N ALA A 315 -10.18 21.52 31.65
CA ALA A 315 -9.55 21.49 30.34
C ALA A 315 -8.04 21.70 30.38
N LYS A 316 -7.52 22.27 31.47
CA LYS A 316 -6.07 22.48 31.59
C LYS A 316 -5.32 21.16 31.71
N VAL A 317 -5.89 20.20 32.45
CA VAL A 317 -5.23 18.91 32.60
C VAL A 317 -5.25 18.17 31.27
N PRO A 318 -4.17 17.49 30.89
CA PRO A 318 -4.14 16.78 29.62
C PRO A 318 -5.03 15.54 29.66
N GLU A 319 -5.37 15.05 28.47
CA GLU A 319 -6.14 13.83 28.35
C GLU A 319 -5.27 12.62 28.70
N SER A 320 -5.83 11.43 28.52
CA SER A 320 -5.18 10.17 28.89
C SER A 320 -4.86 10.14 30.39
N SER A 321 -5.62 10.89 31.18
CA SER A 321 -5.49 10.91 32.63
C SER A 321 -6.87 10.75 33.24
N MET A 322 -6.91 10.09 34.41
CA MET A 322 -8.17 9.76 35.05
C MET A 322 -9.02 10.98 35.36
N LYS A 323 -8.43 12.16 35.43
CA LYS A 323 -9.17 13.39 35.69
C LYS A 323 -9.79 13.99 34.44
N SER A 324 -9.41 13.54 33.23
CA SER A 324 -9.88 14.19 32.01
C SER A 324 -10.06 13.15 30.91
N LEU A 325 -11.32 12.70 30.77
CA LEU A 325 -11.79 11.92 29.62
C LEU A 325 -11.21 10.52 29.57
N TYR A 326 -10.23 10.21 30.42
CA TYR A 326 -9.76 8.85 30.53
C TYR A 326 -10.44 8.10 31.67
N GLY A 327 -11.02 8.83 32.62
CA GLY A 327 -11.88 8.19 33.60
C GLY A 327 -13.07 7.52 32.95
N TYR A 328 -13.66 8.17 31.94
CA TYR A 328 -14.73 7.53 31.18
C TYR A 328 -14.21 6.32 30.42
N LYS A 329 -13.01 6.43 29.83
CA LYS A 329 -12.46 5.33 29.06
C LYS A 329 -12.25 4.09 29.93
N ALA A 330 -11.63 4.27 31.10
CA ALA A 330 -11.27 3.13 31.93
C ALA A 330 -12.47 2.56 32.67
N PHE A 331 -13.26 3.43 33.31
CA PHE A 331 -14.35 2.95 34.16
C PHE A 331 -15.52 2.38 33.39
N ILE A 332 -15.87 2.95 32.23
CA ILE A 332 -16.95 2.38 31.43
C ILE A 332 -16.53 1.06 30.81
N CYS A 333 -15.28 0.97 30.33
CA CYS A 333 -14.80 -0.27 29.75
C CYS A 333 -14.78 -1.40 30.77
N ILE A 334 -14.28 -1.12 31.99
CA ILE A 334 -14.25 -2.16 33.02
C ILE A 334 -15.67 -2.46 33.50
N ALA A 335 -16.57 -1.47 33.42
CA ALA A 335 -17.95 -1.70 33.83
C ALA A 335 -18.62 -2.74 32.94
N LEU A 336 -18.39 -2.66 31.63
CA LEU A 336 -18.95 -3.64 30.71
C LEU A 336 -18.43 -5.03 31.00
N ILE A 337 -17.11 -5.14 31.25
CA ILE A 337 -16.53 -6.45 31.52
C ILE A 337 -16.99 -6.98 32.87
N MET A 338 -16.98 -6.12 33.90
CA MET A 338 -17.46 -6.53 35.21
C MET A 338 -18.95 -6.88 35.16
N GLY A 339 -19.74 -6.09 34.43
CA GLY A 339 -21.15 -6.41 34.27
C GLY A 339 -21.36 -7.77 33.62
N ASP A 340 -20.51 -8.12 32.65
CA ASP A 340 -20.61 -9.43 32.01
C ASP A 340 -19.83 -10.50 32.77
N GLY A 341 -18.67 -10.14 33.34
CA GLY A 341 -17.88 -11.12 34.06
C GLY A 341 -18.53 -11.60 35.34
N MET A 342 -19.14 -10.68 36.10
CA MET A 342 -19.79 -11.08 37.34
C MET A 342 -20.94 -12.03 37.09
N TYR A 343 -21.74 -11.78 36.06
CA TYR A 343 -22.86 -12.67 35.75
C TYR A 343 -22.36 -14.07 35.41
N HIS A 344 -21.29 -14.17 34.61
CA HIS A 344 -20.76 -15.49 34.26
C HIS A 344 -20.13 -16.17 35.46
N PHE A 345 -19.36 -15.43 36.26
CA PHE A 345 -18.70 -16.03 37.42
C PHE A 345 -19.72 -16.50 38.46
N ILE A 346 -20.76 -15.70 38.69
CA ILE A 346 -21.81 -16.11 39.63
C ILE A 346 -22.54 -17.33 39.11
N LYS A 347 -22.81 -17.37 37.80
CA LYS A 347 -23.51 -18.51 37.22
C LYS A 347 -22.71 -19.80 37.39
N ILE A 348 -21.39 -19.73 37.20
CA ILE A 348 -20.54 -20.91 37.37
C ILE A 348 -20.59 -21.37 38.83
N VAL A 349 -20.48 -20.44 39.77
CA VAL A 349 -20.60 -20.79 41.18
C VAL A 349 -21.97 -21.35 41.49
N GLY A 350 -23.02 -20.73 40.93
CA GLY A 350 -24.37 -21.21 41.16
C GLY A 350 -24.59 -22.61 40.63
N ILE A 351 -24.07 -22.90 39.43
CA ILE A 351 -24.17 -24.25 38.87
C ILE A 351 -23.41 -25.23 39.72
N THR A 352 -22.19 -24.87 40.14
CA THR A 352 -21.38 -25.76 40.98
C THR A 352 -22.04 -25.98 42.33
N ALA A 353 -22.61 -24.92 42.92
CA ALA A 353 -23.28 -25.05 44.21
C ALA A 353 -24.48 -25.98 44.11
N MET A 354 -25.28 -25.84 43.06
CA MET A 354 -26.44 -26.72 42.89
C MET A 354 -26.01 -28.16 42.67
N SER A 355 -24.94 -28.39 41.91
CA SER A 355 -24.47 -29.75 41.66
C SER A 355 -24.03 -30.41 42.95
N MET A 356 -23.30 -29.69 43.81
CA MET A 356 -22.89 -30.26 45.09
C MET A 356 -24.08 -30.52 46.00
N TYR A 357 -25.06 -29.60 46.00
CA TYR A 357 -26.23 -29.77 46.85
C TYR A 357 -27.04 -30.99 46.43
N ARG A 358 -27.19 -31.21 45.12
CA ARG A 358 -27.91 -32.38 44.63
C ARG A 358 -27.20 -33.67 45.04
N GLN A 359 -25.87 -33.69 44.96
CA GLN A 359 -25.09 -34.85 45.35
C GLN A 359 -25.16 -35.10 46.85
N PRO A 393 -9.77 -32.74 42.01
CA PRO A 393 -8.65 -31.80 42.03
C PRO A 393 -9.10 -30.34 41.93
N SER A 394 -10.42 -30.13 41.86
CA SER A 394 -10.94 -28.77 41.79
C SER A 394 -10.62 -27.99 43.06
N TRP A 395 -10.81 -28.62 44.23
CA TRP A 395 -10.51 -27.97 45.50
C TRP A 395 -9.03 -28.03 45.87
N MET A 396 -8.25 -28.90 45.22
CA MET A 396 -6.83 -28.96 45.51
C MET A 396 -6.11 -27.70 45.05
N ALA A 397 -6.47 -27.19 43.88
CA ALA A 397 -5.83 -25.97 43.36
C ALA A 397 -6.15 -24.78 44.25
N TYR A 398 -7.41 -24.66 44.68
CA TYR A 398 -7.78 -23.53 45.54
C TYR A 398 -7.19 -23.66 46.94
N ALA A 399 -7.03 -24.91 47.43
CA ALA A 399 -6.36 -25.10 48.71
C ALA A 399 -4.91 -24.62 48.65
N GLY A 400 -4.21 -24.94 47.56
CA GLY A 400 -2.87 -24.41 47.38
C GLY A 400 -2.85 -22.91 47.16
N TYR A 401 -3.87 -22.38 46.47
CA TYR A 401 -3.96 -20.95 46.26
C TYR A 401 -4.11 -20.20 47.58
N ALA A 402 -4.93 -20.74 48.50
CA ALA A 402 -5.09 -20.11 49.80
C ALA A 402 -3.78 -20.11 50.58
N LEU A 403 -3.00 -21.20 50.46
CA LEU A 403 -1.72 -21.28 51.16
C LEU A 403 -0.77 -20.18 50.69
N PHE A 404 -0.68 -19.97 49.38
CA PHE A 404 0.18 -18.91 48.87
C PHE A 404 -0.41 -17.53 49.15
N SER A 405 -1.74 -17.43 49.21
CA SER A 405 -2.37 -16.17 49.56
C SER A 405 -1.99 -15.75 50.97
N VAL A 406 -2.05 -16.68 51.92
CA VAL A 406 -1.64 -16.38 53.29
C VAL A 406 -0.15 -16.07 53.35
N LEU A 407 0.66 -16.81 52.58
CA LEU A 407 2.10 -16.57 52.56
C LEU A 407 2.41 -15.17 52.05
N ALA A 408 1.66 -14.70 51.04
CA ALA A 408 1.83 -13.34 50.56
C ALA A 408 1.39 -12.32 51.61
N VAL A 409 0.30 -12.62 52.32
CA VAL A 409 -0.22 -11.68 53.31
C VAL A 409 0.78 -11.45 54.43
N VAL A 410 1.47 -12.51 54.83
CA VAL A 410 2.39 -12.39 55.98
C VAL A 410 3.74 -11.84 55.54
N THR A 411 4.01 -11.84 54.23
CA THR A 411 5.32 -11.47 53.73
C THR A 411 5.38 -10.06 53.12
N ILE A 412 4.40 -9.66 52.33
CA ILE A 412 4.44 -8.39 51.60
C ILE A 412 4.51 -7.19 52.54
N PRO A 413 3.67 -7.08 53.59
CA PRO A 413 3.77 -5.92 54.48
C PRO A 413 5.10 -5.84 55.23
N VAL A 414 5.84 -6.93 55.35
CA VAL A 414 7.17 -6.87 55.95
C VAL A 414 8.09 -6.01 55.09
N MET A 415 8.04 -6.22 53.76
CA MET A 415 8.86 -5.43 52.86
C MET A 415 8.40 -3.97 52.83
N PHE A 416 7.09 -3.75 52.79
CA PHE A 416 6.52 -2.40 52.66
C PHE A 416 5.67 -2.14 53.90
N LYS A 417 6.14 -1.25 54.77
CA LYS A 417 5.35 -0.86 55.93
C LYS A 417 4.08 -0.14 55.52
N GLN A 418 4.09 0.48 54.33
CA GLN A 418 2.90 1.18 53.85
C GLN A 418 1.73 0.23 53.63
N VAL A 419 2.00 -0.94 53.05
CA VAL A 419 0.95 -1.91 52.76
C VAL A 419 0.50 -2.57 54.06
N LYS A 420 -0.81 -2.63 54.25
CA LYS A 420 -1.41 -3.28 55.40
C LYS A 420 -1.85 -4.69 55.04
N TRP A 421 -2.02 -5.54 56.06
CA TRP A 421 -2.27 -6.96 55.85
C TRP A 421 -3.55 -7.21 55.08
N TYR A 422 -4.61 -6.47 55.39
CA TYR A 422 -5.90 -6.71 54.74
C TYR A 422 -5.97 -6.14 53.33
N TYR A 423 -5.04 -5.26 52.94
CA TYR A 423 -4.96 -4.85 51.54
C TYR A 423 -4.62 -6.04 50.65
N VAL A 424 -3.69 -6.88 51.08
CA VAL A 424 -3.31 -8.06 50.31
C VAL A 424 -4.44 -9.08 50.28
N VAL A 425 -5.18 -9.22 51.39
CA VAL A 425 -6.29 -10.17 51.43
C VAL A 425 -7.36 -9.79 50.42
N ILE A 426 -7.71 -8.50 50.36
CA ILE A 426 -8.73 -8.05 49.41
C ILE A 426 -8.24 -8.27 47.98
N ALA A 427 -6.96 -7.99 47.73
CA ALA A 427 -6.41 -8.18 46.39
C ALA A 427 -6.50 -9.63 45.96
N TYR A 428 -6.17 -10.55 46.87
CA TYR A 428 -6.19 -11.98 46.52
C TYR A 428 -7.61 -12.53 46.45
N VAL A 429 -8.55 -11.92 47.18
CA VAL A 429 -9.93 -12.39 47.11
C VAL A 429 -10.54 -12.06 45.75
N VAL A 430 -10.33 -10.84 45.26
CA VAL A 430 -10.92 -10.43 43.99
C VAL A 430 -10.07 -10.81 42.78
N ALA A 431 -8.84 -11.28 43.00
CA ALA A 431 -7.98 -11.66 41.88
C ALA A 431 -8.55 -12.78 41.02
N PRO A 432 -9.07 -13.90 41.57
CA PRO A 432 -9.67 -14.90 40.69
C PRO A 432 -10.83 -14.38 39.87
N MET A 433 -11.63 -13.47 40.43
CA MET A 433 -12.72 -12.88 39.66
C MET A 433 -12.19 -11.99 38.54
N LEU A 434 -11.23 -11.12 38.86
CA LEU A 434 -10.64 -10.26 37.83
C LEU A 434 -9.88 -11.09 36.80
N GLY A 435 -9.15 -12.10 37.26
CA GLY A 435 -8.42 -12.95 36.33
C GLY A 435 -9.32 -13.74 35.40
N PHE A 436 -10.48 -14.17 35.91
CA PHE A 436 -11.44 -14.87 35.07
C PHE A 436 -11.98 -13.96 33.98
N ALA A 437 -12.27 -12.70 34.32
CA ALA A 437 -12.85 -11.79 33.33
C ALA A 437 -11.88 -11.51 32.20
N ASN A 438 -10.60 -11.28 32.52
CA ASN A 438 -9.62 -11.01 31.48
C ASN A 438 -9.32 -12.27 30.66
N SER A 439 -9.25 -13.42 31.31
CA SER A 439 -9.04 -14.67 30.58
C SER A 439 -10.20 -14.95 29.64
N TYR A 440 -11.43 -14.70 30.09
CA TYR A 440 -12.59 -14.85 29.22
C TYR A 440 -12.54 -13.86 28.07
N GLY A 441 -12.15 -12.61 28.36
CA GLY A 441 -12.06 -11.61 27.30
C GLY A 441 -10.96 -11.91 26.30
N THR A 442 -9.82 -12.41 26.79
CA THR A 442 -8.74 -12.80 25.89
C THR A 442 -9.15 -13.96 24.99
N GLY A 443 -10.10 -14.78 25.44
CA GLY A 443 -10.57 -15.89 24.65
C GLY A 443 -11.59 -15.51 23.59
N LEU A 444 -11.95 -14.24 23.49
CA LEU A 444 -12.87 -13.76 22.47
C LEU A 444 -12.17 -12.87 21.45
N THR A 445 -11.49 -11.83 21.93
CA THR A 445 -10.89 -10.83 21.05
C THR A 445 -9.37 -10.89 21.01
N ASP A 446 -8.75 -11.85 21.71
CA ASP A 446 -7.29 -12.01 21.73
C ASP A 446 -6.58 -10.79 22.29
N ILE A 447 -7.26 -9.98 23.11
CA ILE A 447 -6.70 -8.76 23.66
C ILE A 447 -6.58 -8.94 25.16
N ASN A 448 -5.36 -8.80 25.69
CA ASN A 448 -5.12 -8.90 27.11
C ASN A 448 -5.25 -7.51 27.74
N MET A 449 -6.27 -7.32 28.56
CA MET A 449 -6.54 -6.04 29.20
C MET A 449 -6.12 -6.02 30.66
N GLY A 450 -5.07 -6.75 31.03
CA GLY A 450 -4.60 -6.74 32.40
C GLY A 450 -3.93 -5.46 32.80
N TYR A 451 -3.42 -4.69 31.83
CA TYR A 451 -2.85 -3.38 32.13
C TYR A 451 -3.92 -2.42 32.62
N ASN A 452 -5.12 -2.49 32.04
CA ASN A 452 -6.21 -1.64 32.48
C ASN A 452 -6.62 -1.97 33.92
N TYR A 453 -6.68 -3.26 34.25
CA TYR A 453 -7.07 -3.66 35.61
C TYR A 453 -6.04 -3.17 36.62
N GLY A 454 -4.76 -3.28 36.29
CA GLY A 454 -3.74 -2.79 37.21
C GLY A 454 -3.83 -1.30 37.45
N LYS A 455 -4.10 -0.53 36.40
CA LYS A 455 -4.29 0.91 36.56
C LYS A 455 -5.54 1.22 37.38
N ILE A 456 -6.63 0.48 37.18
CA ILE A 456 -7.83 0.69 37.99
C ILE A 456 -7.58 0.24 39.43
N ALA A 457 -6.94 -0.93 39.61
CA ALA A 457 -6.62 -1.39 40.96
C ALA A 457 -5.66 -0.44 41.64
N LEU A 458 -4.71 0.13 40.90
CA LEU A 458 -3.82 1.14 41.47
C LEU A 458 -4.61 2.36 41.95
N PHE A 459 -5.60 2.78 41.17
CA PHE A 459 -6.36 3.98 41.54
C PHE A 459 -7.20 3.77 42.79
N VAL A 460 -7.91 2.64 42.87
CA VAL A 460 -8.81 2.42 44.00
C VAL A 460 -8.02 2.16 45.28
N PHE A 461 -6.93 1.39 45.18
CA PHE A 461 -6.12 1.10 46.36
C PHE A 461 -5.38 2.34 46.86
N ALA A 462 -4.97 3.23 45.95
CA ALA A 462 -4.38 4.49 46.37
C ALA A 462 -5.39 5.35 47.10
N GLY A 463 -6.66 5.32 46.69
CA GLY A 463 -7.71 6.04 47.39
C GLY A 463 -8.13 5.41 48.69
N TRP A 464 -7.78 4.15 48.92
CA TRP A 464 -8.07 3.47 50.18
C TRP A 464 -7.14 3.92 51.30
N ALA A 465 -6.09 4.67 50.98
CA ALA A 465 -5.18 5.21 51.98
C ALA A 465 -5.04 6.70 51.75
N GLY A 466 -4.78 7.43 52.84
CA GLY A 466 -4.68 8.88 52.78
C GLY A 466 -3.40 9.33 52.12
N LYS A 467 -3.02 10.57 52.42
CA LYS A 467 -1.76 11.12 51.89
C LYS A 467 -0.57 10.30 52.39
N GLU A 468 -0.57 9.93 53.67
CA GLU A 468 0.44 9.03 54.18
C GLU A 468 0.24 7.62 53.64
N ASN A 469 1.36 6.96 53.33
CA ASN A 469 1.41 5.58 52.84
C ASN A 469 0.36 5.29 51.79
N GLY A 470 0.15 6.22 50.86
CA GLY A 470 -0.85 6.04 49.82
C GLY A 470 -0.27 5.69 48.46
N VAL A 471 0.83 6.35 48.09
CA VAL A 471 1.44 6.11 46.78
C VAL A 471 2.01 4.70 46.72
N ILE A 472 2.75 4.29 47.76
CA ILE A 472 3.30 2.94 47.78
C ILE A 472 2.18 1.90 47.85
N ALA A 473 1.13 2.19 48.62
CA ALA A 473 0.03 1.25 48.75
C ALA A 473 -0.64 1.00 47.40
N GLY A 474 -0.85 2.07 46.62
CA GLY A 474 -1.43 1.89 45.30
C GLY A 474 -0.51 1.15 44.34
N LEU A 475 0.78 1.49 44.36
CA LEU A 475 1.72 0.87 43.43
C LEU A 475 1.91 -0.61 43.74
N VAL A 476 2.11 -0.95 45.00
CA VAL A 476 2.34 -2.36 45.37
C VAL A 476 1.07 -3.18 45.13
N ALA A 477 -0.07 -2.67 45.57
CA ALA A 477 -1.33 -3.40 45.36
C ALA A 477 -1.68 -3.49 43.89
N GLY A 478 -1.29 -2.49 43.09
CA GLY A 478 -1.50 -2.58 41.65
C GLY A 478 -0.68 -3.69 41.01
N THR A 479 0.53 -3.92 41.50
CA THR A 479 1.38 -4.96 40.93
C THR A 479 0.78 -6.35 41.12
N LEU A 480 0.21 -6.61 42.30
CA LEU A 480 -0.40 -7.92 42.55
C LEU A 480 -1.55 -8.18 41.60
N VAL A 481 -2.42 -7.18 41.41
CA VAL A 481 -3.56 -7.35 40.51
C VAL A 481 -3.09 -7.41 39.07
N LYS A 482 -2.17 -6.51 38.70
CA LYS A 482 -1.71 -6.47 37.32
C LYS A 482 -1.02 -7.77 36.92
N GLN A 483 -0.14 -8.29 37.79
CA GLN A 483 0.62 -9.49 37.45
C GLN A 483 -0.29 -10.71 37.38
N LEU A 484 -1.13 -10.90 38.40
CA LEU A 484 -1.97 -12.10 38.44
C LEU A 484 -2.93 -12.14 37.26
N VAL A 485 -3.50 -10.99 36.91
CA VAL A 485 -4.42 -10.94 35.77
C VAL A 485 -3.68 -11.14 34.46
N LEU A 486 -2.53 -10.49 34.29
CA LEU A 486 -1.75 -10.66 33.07
C LEU A 486 -1.25 -12.10 32.92
N ILE A 487 -0.78 -12.70 34.02
CA ILE A 487 -0.31 -14.07 33.97
C ILE A 487 -1.43 -15.02 33.56
N SER A 488 -2.64 -14.78 34.09
CA SER A 488 -3.77 -15.65 33.78
C SER A 488 -4.08 -15.64 32.28
N ALA A 489 -4.25 -14.45 31.71
CA ALA A 489 -4.63 -14.37 30.30
C ALA A 489 -3.50 -14.86 29.39
N ASP A 490 -2.25 -14.53 29.71
CA ASP A 490 -1.14 -14.94 28.86
C ASP A 490 -0.98 -16.45 28.83
N LEU A 491 -1.14 -17.12 29.97
CA LEU A 491 -0.94 -18.56 30.04
C LEU A 491 -2.18 -19.34 29.65
N MET A 492 -3.36 -18.72 29.63
CA MET A 492 -4.55 -19.42 29.14
C MET A 492 -4.43 -19.70 27.64
N GLN A 493 -3.88 -18.75 26.88
CA GLN A 493 -3.60 -19.01 25.48
C GLN A 493 -2.58 -20.13 25.33
N ASP A 494 -1.61 -20.19 26.24
CA ASP A 494 -0.63 -21.28 26.23
C ASP A 494 -1.30 -22.62 26.52
N PHE A 495 -2.31 -22.62 27.39
CA PHE A 495 -3.06 -23.85 27.63
C PHE A 495 -3.90 -24.23 26.41
N LYS A 496 -4.38 -23.23 25.66
CA LYS A 496 -5.11 -23.52 24.44
C LYS A 496 -4.22 -24.21 23.42
N THR A 497 -2.95 -23.83 23.37
CA THR A 497 -2.00 -24.52 22.49
C THR A 497 -1.85 -25.98 22.87
N SER A 498 -1.78 -26.25 24.18
CA SER A 498 -1.63 -27.64 24.63
C SER A 498 -2.86 -28.47 24.27
N TYR A 499 -4.04 -27.88 24.33
CA TYR A 499 -5.26 -28.62 24.03
C TYR A 499 -5.27 -29.10 22.59
N LEU A 500 -4.85 -28.24 21.66
CA LEU A 500 -4.86 -28.61 20.25
C LEU A 500 -3.68 -29.52 19.88
N THR A 501 -2.62 -29.51 20.68
CA THR A 501 -1.44 -30.32 20.41
C THR A 501 -1.42 -31.62 21.20
N GLN A 502 -2.51 -31.96 21.88
CA GLN A 502 -2.61 -33.17 22.69
C GLN A 502 -1.49 -33.25 23.72
N THR A 503 -1.23 -32.13 24.38
CA THR A 503 -0.24 -32.06 25.44
C THR A 503 -0.90 -32.33 26.79
N SER A 504 -0.19 -33.08 27.63
CA SER A 504 -0.74 -33.46 28.93
C SER A 504 -0.86 -32.24 29.82
N PRO A 505 -2.06 -31.96 30.35
CA PRO A 505 -2.22 -30.76 31.20
C PRO A 505 -1.35 -30.79 32.45
N LYS A 506 -1.11 -31.97 33.03
CA LYS A 506 -0.28 -32.03 34.23
C LYS A 506 1.17 -31.70 33.92
N SER A 507 1.67 -32.09 32.74
CA SER A 507 3.01 -31.71 32.34
C SER A 507 3.10 -30.21 32.03
N MET A 508 2.00 -29.65 31.51
CA MET A 508 1.95 -28.20 31.28
C MET A 508 2.05 -27.44 32.58
N MET A 509 1.39 -27.94 33.63
CA MET A 509 1.45 -27.28 34.94
C MET A 509 2.87 -27.24 35.47
N ILE A 510 3.62 -28.34 35.31
CA ILE A 510 4.99 -28.39 35.81
C ILE A 510 5.87 -27.40 35.07
N ALA A 511 5.68 -27.29 33.75
CA ALA A 511 6.51 -26.38 32.96
C ALA A 511 6.29 -24.93 33.38
N GLN A 512 5.05 -24.54 33.64
CA GLN A 512 4.77 -23.18 34.08
C GLN A 512 5.39 -22.89 35.43
N VAL A 513 5.32 -23.84 36.36
CA VAL A 513 5.89 -23.64 37.69
C VAL A 513 7.41 -23.47 37.59
N VAL A 514 8.06 -24.33 36.81
CA VAL A 514 9.51 -24.22 36.63
C VAL A 514 9.87 -22.93 35.93
N GLY A 515 9.13 -22.58 34.87
CA GLY A 515 9.41 -21.35 34.17
C GLY A 515 9.18 -20.11 35.01
N THR A 516 8.07 -20.10 35.78
CA THR A 516 7.81 -18.97 36.66
C THR A 516 8.87 -18.85 37.74
N ALA A 517 9.31 -19.97 38.30
CA ALA A 517 10.33 -19.94 39.34
C ALA A 517 11.64 -19.36 38.82
N MET A 518 12.03 -19.75 37.61
CA MET A 518 13.23 -19.18 37.00
C MET A 518 13.02 -17.71 36.66
N GLY A 519 11.80 -17.35 36.25
CA GLY A 519 11.52 -15.96 35.94
C GLY A 519 11.68 -15.06 37.15
N CYS A 520 11.30 -15.56 38.33
CA CYS A 520 11.43 -14.78 39.56
C CYS A 520 12.88 -14.62 39.99
N ILE A 521 13.81 -15.34 39.37
CA ILE A 521 15.23 -15.26 39.70
C ILE A 521 16.01 -14.54 38.60
N VAL A 522 15.75 -14.90 37.34
CA VAL A 522 16.48 -14.29 36.23
C VAL A 522 16.12 -12.81 36.10
N SER A 523 14.83 -12.48 36.16
CA SER A 523 14.41 -11.10 35.95
C SER A 523 14.97 -10.14 36.99
N PRO A 524 14.90 -10.40 38.30
CA PRO A 524 15.55 -9.48 39.25
C PRO A 524 17.04 -9.35 39.03
N LEU A 525 17.72 -10.44 38.65
CA LEU A 525 19.13 -10.35 38.35
C LEU A 525 19.38 -9.55 37.08
N THR A 526 18.58 -9.80 36.04
CA THR A 526 18.73 -9.05 34.80
C THR A 526 18.45 -7.57 35.01
N PHE A 527 17.40 -7.25 35.76
CA PHE A 527 17.06 -5.86 36.01
C PHE A 527 18.16 -5.14 36.78
N MET A 528 18.74 -5.80 37.79
CA MET A 528 19.78 -5.16 38.58
C MET A 528 21.06 -4.98 37.79
N LEU A 529 21.33 -5.89 36.85
CA LEU A 529 22.50 -5.72 35.98
C LEU A 529 22.39 -4.45 35.16
N PHE A 530 21.21 -4.19 34.59
CA PHE A 530 20.99 -2.92 33.89
C PHE A 530 20.99 -1.75 34.87
N TYR A 531 20.36 -1.93 36.03
CA TYR A 531 20.21 -0.83 36.98
C TYR A 531 21.56 -0.38 37.51
N LYS A 532 22.44 -1.33 37.85
CA LYS A 532 23.75 -0.98 38.37
C LYS A 532 24.64 -0.38 37.29
N ALA A 533 24.60 -0.94 36.08
CA ALA A 533 25.53 -0.53 35.04
C ALA A 533 25.18 0.84 34.48
N PHE A 534 23.89 1.14 34.33
CA PHE A 534 23.48 2.37 33.67
C PHE A 534 22.66 3.27 34.58
N ASP A 535 22.20 4.40 34.05
CA ASP A 535 21.35 5.32 34.80
C ASP A 535 19.95 5.21 34.23
N ILE A 536 19.02 4.66 35.03
CA ILE A 536 17.68 4.35 34.58
C ILE A 536 16.72 5.35 35.22
N GLY A 537 15.86 5.94 34.39
CA GLY A 537 14.90 6.92 34.85
C GLY A 537 15.21 8.36 34.51
N ASN A 538 16.30 8.61 33.79
CA ASN A 538 16.64 9.98 33.40
C ASN A 538 15.77 10.40 32.23
N PRO A 539 14.97 11.46 32.34
CA PRO A 539 14.13 11.88 31.21
C PRO A 539 14.92 12.35 30.00
N ASP A 540 16.19 12.69 30.16
CA ASP A 540 17.01 13.17 29.04
C ASP A 540 18.18 12.22 28.80
N GLY A 541 17.92 10.92 28.81
CA GLY A 541 18.96 9.93 28.58
C GLY A 541 18.40 8.77 27.78
N THR A 542 19.33 7.91 27.34
CA THR A 542 18.93 6.74 26.56
C THR A 542 18.05 5.80 27.37
N TRP A 543 18.42 5.57 28.63
CA TRP A 543 17.64 4.70 29.52
C TRP A 543 16.57 5.51 30.23
N LYS A 544 15.54 5.86 29.46
CA LYS A 544 14.41 6.62 29.99
C LYS A 544 13.20 5.69 30.08
N ALA A 545 12.52 5.71 31.22
CA ALA A 545 11.33 4.89 31.38
C ALA A 545 10.12 5.80 31.58
N PRO A 546 9.39 6.14 30.50
CA PRO A 546 8.26 7.06 30.65
C PRO A 546 7.15 6.51 31.54
N TYR A 547 6.91 5.20 31.52
CA TYR A 547 5.82 4.62 32.28
C TYR A 547 6.10 4.53 33.77
N ALA A 548 7.38 4.59 34.18
CA ALA A 548 7.69 4.62 35.60
C ALA A 548 7.14 5.87 36.26
N LEU A 549 7.28 7.02 35.60
CA LEU A 549 6.73 8.26 36.13
C LEU A 549 5.22 8.35 35.93
N ILE A 550 4.71 7.82 34.81
CA ILE A 550 3.28 7.86 34.56
C ILE A 550 2.51 7.07 35.62
N TYR A 551 3.00 5.86 35.93
CA TYR A 551 2.39 5.08 37.00
C TYR A 551 2.54 5.76 38.35
N ARG A 552 3.66 6.47 38.56
CA ARG A 552 3.83 7.23 39.79
C ARG A 552 2.80 8.34 39.92
N ASN A 553 2.52 9.04 38.81
CA ASN A 553 1.52 10.10 38.85
C ASN A 553 0.12 9.56 39.03
N MET A 554 -0.15 8.35 38.54
CA MET A 554 -1.46 7.74 38.77
C MET A 554 -1.70 7.51 40.26
N ALA A 555 -0.68 7.05 40.97
CA ALA A 555 -0.81 6.86 42.41
C ALA A 555 -1.01 8.19 43.14
N ILE A 556 -0.26 9.22 42.73
CA ILE A 556 -0.41 10.53 43.36
C ILE A 556 -1.80 11.08 43.12
N LEU A 557 -2.29 11.00 41.88
CA LEU A 557 -3.65 11.42 41.59
C LEU A 557 -4.67 10.51 42.27
N GLY A 558 -4.32 9.23 42.45
CA GLY A 558 -5.20 8.30 43.13
C GLY A 558 -5.25 8.42 44.63
N VAL A 559 -4.35 9.22 45.22
CA VAL A 559 -4.39 9.45 46.67
C VAL A 559 -5.71 10.10 47.06
N GLU A 560 -6.11 11.13 46.31
CA GLU A 560 -7.43 11.71 46.49
C GLU A 560 -8.49 10.73 46.03
N GLY A 561 -9.66 10.78 46.67
CA GLY A 561 -10.71 9.81 46.41
C GLY A 561 -11.37 9.92 45.05
N PHE A 562 -12.57 9.36 44.93
CA PHE A 562 -13.30 9.38 43.67
C PHE A 562 -13.79 10.76 43.28
N SER A 563 -13.52 11.79 44.08
CA SER A 563 -13.93 13.14 43.73
C SER A 563 -13.19 13.67 42.50
N VAL A 564 -11.96 13.19 42.28
CA VAL A 564 -11.16 13.66 41.15
C VAL A 564 -11.69 13.17 39.81
N LEU A 565 -12.54 12.14 39.80
CA LEU A 565 -13.10 11.66 38.55
C LEU A 565 -14.02 12.73 37.95
N PRO A 566 -14.14 12.77 36.62
CA PRO A 566 -14.98 13.78 35.98
C PRO A 566 -16.44 13.62 36.37
N LYS A 567 -17.23 14.64 36.06
CA LYS A 567 -18.64 14.63 36.39
C LYS A 567 -19.37 13.53 35.63
N TYR A 568 -20.28 12.85 36.33
CA TYR A 568 -21.12 11.79 35.78
C TYR A 568 -20.31 10.58 35.32
N CYS A 569 -19.04 10.47 35.73
CA CYS A 569 -18.27 9.29 35.35
C CYS A 569 -18.80 8.02 36.00
N ILE A 570 -19.15 8.10 37.28
CA ILE A 570 -19.67 6.92 37.98
C ILE A 570 -21.06 6.59 37.49
N VAL A 571 -21.89 7.61 37.22
CA VAL A 571 -23.28 7.37 36.82
C VAL A 571 -23.31 6.65 35.48
N ILE A 572 -22.52 7.11 34.51
CA ILE A 572 -22.50 6.48 33.20
C ILE A 572 -21.90 5.08 33.29
N SER A 573 -20.86 4.91 34.09
CA SER A 573 -20.29 3.58 34.30
C SER A 573 -21.30 2.64 34.95
N GLY A 574 -22.05 3.15 35.93
CA GLY A 574 -23.10 2.34 36.53
C GLY A 574 -24.20 2.00 35.54
N GLY A 575 -24.52 2.92 34.64
CA GLY A 575 -25.49 2.63 33.60
C GLY A 575 -25.02 1.55 32.65
N PHE A 576 -23.75 1.60 32.25
CA PHE A 576 -23.21 0.58 31.36
C PHE A 576 -23.01 -0.75 32.10
N PHE A 577 -22.83 -0.70 33.42
CA PHE A 577 -22.82 -1.93 34.20
C PHE A 577 -24.16 -2.64 34.13
N ALA A 578 -25.25 -1.87 34.24
CA ALA A 578 -26.58 -2.45 34.07
C ALA A 578 -26.79 -2.92 32.63
N PHE A 579 -26.34 -2.12 31.66
CA PHE A 579 -26.49 -2.48 30.26
C PHE A 579 -25.74 -3.77 29.95
N ALA A 580 -24.53 -3.91 30.48
CA ALA A 580 -23.77 -5.15 30.32
C ALA A 580 -24.48 -6.31 30.99
N ALA A 581 -25.03 -6.08 32.18
CA ALA A 581 -25.73 -7.13 32.90
C ALA A 581 -26.99 -7.58 32.15
N ILE A 582 -27.73 -6.62 31.60
CA ILE A 582 -28.97 -6.96 30.89
C ILE A 582 -28.66 -7.79 29.65
N LEU A 583 -27.62 -7.41 28.90
CA LEU A 583 -27.27 -8.17 27.69
C LEU A 583 -26.85 -9.59 28.04
N SER A 584 -26.08 -9.76 29.12
CA SER A 584 -25.66 -11.11 29.51
C SER A 584 -26.86 -11.97 29.88
N ILE A 585 -27.82 -11.40 30.63
CA ILE A 585 -29.03 -12.13 30.97
C ILE A 585 -29.87 -12.40 29.73
N THR A 586 -29.97 -11.41 28.84
CA THR A 586 -30.81 -11.56 27.66
C THR A 586 -30.35 -12.69 26.75
N ARG A 587 -29.04 -12.94 26.67
CA ARG A 587 -28.53 -13.98 25.79
C ARG A 587 -28.82 -15.38 26.30
N ASP A 588 -28.88 -15.58 27.62
CA ASP A 588 -29.09 -16.90 28.18
C ASP A 588 -30.55 -17.21 28.50
N VAL A 589 -31.44 -16.22 28.37
CA VAL A 589 -32.86 -16.45 28.69
C VAL A 589 -33.64 -16.65 27.40
N MET A 590 -33.20 -15.99 26.32
CA MET A 590 -33.88 -16.12 25.04
C MET A 590 -33.53 -17.44 24.37
N PRO A 591 -34.38 -17.95 23.49
CA PRO A 591 -34.08 -19.21 22.79
C PRO A 591 -32.83 -19.09 21.95
N HIS A 592 -32.27 -20.25 21.62
CA HIS A 592 -31.01 -20.30 20.89
C HIS A 592 -31.14 -19.67 19.50
N LYS A 593 -32.34 -19.64 18.94
CA LYS A 593 -32.54 -19.00 17.65
C LYS A 593 -32.25 -17.50 17.72
N TYR A 594 -32.71 -16.84 18.78
CA TYR A 594 -32.52 -15.40 18.96
C TYR A 594 -31.32 -15.06 19.81
N ALA A 595 -30.59 -16.04 20.32
CA ALA A 595 -29.41 -15.81 21.13
C ALA A 595 -28.14 -15.73 20.31
N LYS A 596 -28.23 -15.92 19.00
CA LYS A 596 -27.08 -15.82 18.10
C LYS A 596 -26.83 -14.40 17.63
N TYR A 597 -27.70 -13.44 17.99
CA TYR A 597 -27.58 -12.08 17.52
C TYR A 597 -27.43 -11.06 18.64
N VAL A 598 -27.39 -11.50 19.89
CA VAL A 598 -27.21 -10.59 21.01
C VAL A 598 -25.72 -10.23 21.12
N PRO A 599 -25.38 -8.94 21.09
CA PRO A 599 -23.96 -8.57 21.18
C PRO A 599 -23.37 -8.91 22.54
N LEU A 600 -22.07 -9.22 22.53
CA LEU A 600 -21.36 -9.58 23.75
C LEU A 600 -20.87 -8.32 24.45
N PRO A 601 -21.27 -8.07 25.70
CA PRO A 601 -20.89 -6.80 26.34
C PRO A 601 -19.40 -6.58 26.45
N MET A 602 -18.61 -7.62 26.69
CA MET A 602 -17.18 -7.46 26.88
C MET A 602 -16.39 -7.51 25.58
N ALA A 603 -16.97 -8.01 24.49
CA ALA A 603 -16.36 -7.82 23.19
C ALA A 603 -16.49 -6.37 22.73
N MET A 604 -17.57 -5.70 23.13
CA MET A 604 -17.72 -4.28 22.84
C MET A 604 -16.80 -3.42 23.69
N ALA A 605 -16.34 -3.96 24.83
CA ALA A 605 -15.53 -3.17 25.75
C ALA A 605 -14.11 -2.96 25.23
N VAL A 606 -13.61 -3.84 24.37
CA VAL A 606 -12.24 -3.71 23.88
C VAL A 606 -12.00 -2.41 23.12
N PRO A 607 -12.85 -2.01 22.17
CA PRO A 607 -12.59 -0.75 21.46
C PRO A 607 -12.82 0.50 22.29
N PHE A 608 -13.10 0.39 23.59
CA PHE A 608 -13.23 1.59 24.41
C PHE A 608 -11.88 2.22 24.74
N LEU A 609 -10.85 1.40 24.95
CA LEU A 609 -9.50 1.90 25.20
C LEU A 609 -8.68 1.98 23.91
N VAL A 610 -8.59 0.88 23.17
CA VAL A 610 -7.99 0.92 21.85
C VAL A 610 -8.96 1.56 20.87
N GLY A 611 -8.46 1.89 19.69
CA GLY A 611 -9.29 2.54 18.69
C GLY A 611 -10.23 1.57 18.01
N GLY A 612 -11.04 2.14 17.11
CA GLY A 612 -11.92 1.34 16.27
C GLY A 612 -11.25 0.73 15.06
N SER A 613 -9.97 1.00 14.86
CA SER A 613 -9.23 0.35 13.78
C SER A 613 -9.14 -1.15 14.02
N PHE A 614 -8.97 -1.56 15.28
CA PHE A 614 -8.97 -2.98 15.61
C PHE A 614 -10.31 -3.63 15.26
N ALA A 615 -11.41 -2.93 15.53
CA ALA A 615 -12.73 -3.47 15.22
C ALA A 615 -12.91 -3.67 13.72
N ILE A 616 -12.44 -2.71 12.91
CA ILE A 616 -12.58 -2.79 11.47
C ILE A 616 -11.78 -3.97 10.92
N ASP A 617 -10.57 -4.17 11.44
CA ASP A 617 -9.74 -5.30 11.00
C ASP A 617 -10.42 -6.63 11.32
N MET A 618 -11.02 -6.75 12.51
CA MET A 618 -11.71 -7.98 12.87
C MET A 618 -12.90 -8.22 11.95
N CYS A 619 -13.64 -7.17 11.64
CA CYS A 619 -14.79 -7.31 10.73
C CYS A 619 -14.34 -7.66 9.32
N LEU A 620 -13.18 -7.16 8.89
CA LEU A 620 -12.65 -7.56 7.59
C LEU A 620 -12.34 -9.05 7.57
N GLY A 621 -11.79 -9.58 8.65
CA GLY A 621 -11.53 -11.01 8.72
C GLY A 621 -12.79 -11.84 8.63
N SER A 622 -13.84 -11.40 9.31
CA SER A 622 -15.13 -12.08 9.19
C SER A 622 -15.69 -11.96 7.77
N LEU A 623 -15.53 -10.79 7.14
CA LEU A 623 -15.99 -10.61 5.78
C LEU A 623 -15.26 -11.53 4.82
N ILE A 624 -13.95 -11.73 5.02
CA ILE A 624 -13.19 -12.65 4.19
C ILE A 624 -13.71 -14.08 4.36
N VAL A 625 -13.94 -14.49 5.61
CA VAL A 625 -14.46 -15.83 5.86
C VAL A 625 -15.87 -15.97 5.29
N PHE A 626 -16.71 -14.97 5.47
CA PHE A 626 -18.06 -15.01 4.93
C PHE A 626 -18.04 -15.12 3.41
N ALA A 627 -17.18 -14.34 2.76
CA ALA A 627 -17.05 -14.44 1.31
C ALA A 627 -16.47 -15.78 0.89
N TRP A 628 -15.44 -16.25 1.60
CA TRP A 628 -14.81 -17.52 1.25
C TRP A 628 -15.77 -18.68 1.43
N THR A 629 -16.56 -18.67 2.51
CA THR A 629 -17.49 -19.76 2.77
C THR A 629 -18.55 -19.85 1.68
N LYS A 630 -19.09 -18.71 1.24
CA LYS A 630 -20.08 -18.73 0.17
C LYS A 630 -19.47 -19.21 -1.14
N ILE A 631 -18.25 -18.77 -1.46
CA ILE A 631 -17.61 -19.16 -2.71
C ILE A 631 -17.30 -20.65 -2.71
N ASN A 632 -16.71 -21.14 -1.62
CA ASN A 632 -16.32 -22.55 -1.51
C ASN A 632 -16.54 -22.99 -0.07
N LYS A 633 -17.67 -23.68 0.17
CA LYS A 633 -17.98 -24.14 1.51
C LYS A 633 -16.99 -25.18 2.00
N LYS A 634 -16.61 -26.11 1.14
CA LYS A 634 -15.74 -27.21 1.56
C LYS A 634 -14.33 -26.72 1.87
N GLU A 635 -13.74 -25.93 0.98
CA GLU A 635 -12.35 -25.50 1.16
C GLU A 635 -12.21 -24.58 2.37
N ALA A 636 -13.17 -23.69 2.58
CA ALA A 636 -13.10 -22.76 3.70
C ALA A 636 -13.20 -23.47 5.04
N GLY A 637 -13.66 -24.72 5.06
CA GLY A 637 -13.80 -25.42 6.33
C GLY A 637 -12.47 -25.68 7.01
N PHE A 638 -11.46 -26.08 6.25
CA PHE A 638 -10.18 -26.48 6.81
C PHE A 638 -9.02 -25.57 6.43
N MET A 639 -9.21 -24.65 5.48
CA MET A 639 -8.14 -23.76 5.07
C MET A 639 -8.14 -22.44 5.82
N VAL A 640 -9.30 -22.00 6.33
CA VAL A 640 -9.35 -20.74 7.07
C VAL A 640 -8.46 -20.75 8.31
N PRO A 641 -8.48 -21.77 9.16
CA PRO A 641 -7.56 -21.78 10.31
C PRO A 641 -6.09 -21.74 9.90
N ALA A 642 -5.74 -22.40 8.79
CA ALA A 642 -4.34 -22.40 8.36
C ALA A 642 -3.92 -21.04 7.81
N VAL A 643 -4.77 -20.42 7.00
CA VAL A 643 -4.46 -19.10 6.46
C VAL A 643 -4.45 -18.06 7.57
N ALA A 644 -5.43 -18.13 8.48
CA ALA A 644 -5.49 -17.16 9.57
C ALA A 644 -4.28 -17.28 10.48
N SER A 645 -3.84 -18.50 10.77
CA SER A 645 -2.67 -18.69 11.62
C SER A 645 -1.41 -18.15 10.96
N ALA A 646 -1.28 -18.32 9.64
CA ALA A 646 -0.10 -17.85 8.93
C ALA A 646 0.01 -16.33 9.00
N LEU A 647 -1.11 -15.62 8.87
CA LEU A 647 -1.09 -14.17 8.98
C LEU A 647 -0.68 -13.74 10.38
N ILE A 648 -1.19 -14.42 11.40
CA ILE A 648 -0.82 -14.08 12.78
C ILE A 648 0.63 -14.44 13.07
N CYS A 649 1.05 -15.64 12.65
CA CYS A 649 2.42 -16.08 12.92
C CYS A 649 3.44 -15.23 12.17
N GLY A 650 3.15 -14.90 10.91
CA GLY A 650 4.11 -14.12 10.13
C GLY A 650 4.38 -12.75 10.74
N ASP A 651 3.33 -12.06 11.16
CA ASP A 651 3.51 -10.80 11.87
C ASP A 651 4.15 -11.04 13.24
N GLY A 652 3.79 -12.13 13.90
CA GLY A 652 4.35 -12.42 15.21
C GLY A 652 5.85 -12.74 15.15
N ILE A 653 6.28 -13.45 14.11
CA ILE A 653 7.69 -13.79 13.98
C ILE A 653 8.53 -12.55 13.79
N TRP A 654 8.06 -11.60 12.96
CA TRP A 654 8.81 -10.37 12.71
C TRP A 654 9.00 -9.54 13.96
N THR A 655 8.18 -9.77 15.00
CA THR A 655 8.35 -9.01 16.23
C THR A 655 9.71 -9.23 16.86
N PHE A 656 10.34 -10.38 16.59
CA PHE A 656 11.67 -10.63 17.16
C PHE A 656 12.75 -9.85 16.43
N PRO A 657 12.90 -9.90 15.10
CA PRO A 657 13.88 -9.03 14.45
C PRO A 657 13.61 -7.55 14.67
N ALA A 658 12.34 -7.15 14.74
CA ALA A 658 12.03 -5.75 15.01
C ALA A 658 12.52 -5.32 16.39
N SER A 659 12.40 -6.22 17.37
CA SER A 659 12.92 -5.93 18.70
C SER A 659 14.45 -5.82 18.69
N ILE A 660 15.11 -6.70 17.94
CA ILE A 660 16.57 -6.65 17.85
C ILE A 660 17.02 -5.35 17.20
N LEU A 661 16.33 -4.92 16.14
CA LEU A 661 16.64 -3.64 15.52
C LEU A 661 16.42 -2.49 16.50
N ALA A 662 15.33 -2.54 17.27
CA ALA A 662 15.13 -1.56 18.33
C ALA A 662 16.15 -1.73 19.44
N LEU A 663 16.60 -2.96 19.69
CA LEU A 663 17.62 -3.20 20.71
C LEU A 663 18.93 -2.52 20.32
N ALA A 664 19.31 -2.62 19.05
CA ALA A 664 20.58 -2.08 18.55
C ALA A 664 20.48 -0.63 18.12
N LYS A 665 19.46 0.10 18.57
CA LYS A 665 19.22 1.51 18.30
C LYS A 665 18.99 1.79 16.82
N ILE A 666 18.67 0.78 16.01
CA ILE A 666 18.38 0.98 14.60
C ILE A 666 16.92 1.37 14.47
N LYS A 667 16.66 2.52 13.85
CA LYS A 667 15.33 3.08 13.72
C LYS A 667 14.91 3.15 12.27
N PRO A 668 13.60 3.15 12.00
CA PRO A 668 13.12 3.16 10.60
C PRO A 668 13.60 4.38 9.86
N PRO A 669 13.99 4.23 8.59
CA PRO A 669 14.56 5.38 7.85
C PRO A 669 13.53 6.40 7.43
N ILE A 670 12.35 5.96 6.96
CA ILE A 670 11.39 6.83 6.31
C ILE A 670 10.13 6.91 7.17
N CYS A 671 9.38 8.00 6.98
CA CYS A 671 8.15 8.26 7.71
C CYS A 671 7.07 8.66 6.72
N MET A 672 6.08 7.78 6.53
CA MET A 672 5.02 7.98 5.54
C MET A 672 3.91 8.79 6.19
N LYS A 673 3.97 10.10 6.05
CA LYS A 673 3.02 11.00 6.68
C LYS A 673 1.88 11.33 5.70
N PHE A 674 0.70 11.53 6.28
CA PHE A 674 -0.50 11.89 5.52
C PHE A 674 -0.93 13.29 5.91
N LEU A 675 -1.13 14.15 4.92
CA LEU A 675 -1.47 15.54 5.14
C LEU A 675 -2.71 15.92 4.35
N PRO A 676 -3.51 16.89 4.83
CA PRO A 676 -4.75 17.28 4.16
C PRO A 676 -4.55 18.22 2.97
N ALA A 677 -3.70 17.80 2.02
CA ALA A 677 -3.42 18.57 0.81
C ALA A 677 -2.99 19.99 1.13
N ALA A 678 -2.12 20.13 2.13
CA ALA A 678 -1.62 21.43 2.54
C ALA A 678 -0.71 22.04 1.48
N GLN B 46 -19.47 -3.83 -45.92
CA GLN B 46 -20.62 -3.53 -45.07
C GLN B 46 -20.45 -4.19 -43.70
N ASP B 47 -21.44 -3.96 -42.82
CA ASP B 47 -21.50 -4.48 -41.45
C ASP B 47 -20.43 -3.86 -40.55
N GLU B 48 -19.56 -3.02 -41.07
CA GLU B 48 -18.55 -2.34 -40.28
C GLU B 48 -18.70 -0.83 -40.33
N LEU B 49 -19.00 -0.27 -41.49
CA LEU B 49 -19.29 1.16 -41.63
C LEU B 49 -20.81 1.34 -41.58
N THR B 50 -21.30 1.88 -40.47
CA THR B 50 -22.73 2.05 -40.26
C THR B 50 -23.03 3.51 -39.94
N VAL B 51 -24.27 3.91 -40.20
CA VAL B 51 -24.70 5.27 -39.90
C VAL B 51 -24.75 5.50 -38.39
N ARG B 52 -25.21 4.50 -37.64
CA ARG B 52 -25.23 4.62 -36.18
C ARG B 52 -23.82 4.73 -35.62
N GLY B 53 -22.85 4.05 -36.25
CA GLY B 53 -21.48 4.16 -35.80
C GLY B 53 -20.90 5.55 -35.99
N LEU B 54 -21.21 6.17 -37.14
CA LEU B 54 -20.74 7.54 -37.38
C LEU B 54 -21.32 8.52 -36.37
N VAL B 55 -22.61 8.36 -36.04
CA VAL B 55 -23.24 9.24 -35.07
C VAL B 55 -22.61 9.05 -33.69
N ALA B 56 -22.41 7.78 -33.29
CA ALA B 56 -21.79 7.51 -32.00
C ALA B 56 -20.37 8.02 -31.93
N ALA B 57 -19.61 7.84 -33.02
CA ALA B 57 -18.23 8.30 -33.04
C ALA B 57 -18.14 9.83 -32.96
N LEU B 58 -19.06 10.52 -33.63
CA LEU B 58 -19.10 11.97 -33.55
C LEU B 58 -19.39 12.44 -32.13
N LEU B 59 -20.33 11.78 -31.46
CA LEU B 59 -20.65 12.16 -30.08
C LEU B 59 -19.49 11.87 -29.14
N ILE B 60 -18.87 10.70 -29.27
CA ILE B 60 -17.72 10.36 -28.44
C ILE B 60 -16.56 11.29 -28.75
N GLY B 61 -16.30 11.54 -30.03
CA GLY B 61 -15.23 12.44 -30.41
C GLY B 61 -15.44 13.86 -29.92
N PHE B 62 -16.70 14.32 -29.89
CA PHE B 62 -16.98 15.68 -29.43
C PHE B 62 -16.76 15.82 -27.93
N ILE B 63 -17.28 14.89 -27.14
CA ILE B 63 -17.17 15.02 -25.68
C ILE B 63 -15.72 14.82 -25.24
N TYR B 64 -14.98 13.93 -25.90
CA TYR B 64 -13.58 13.72 -25.57
C TYR B 64 -12.74 14.93 -25.95
N THR B 65 -13.13 15.62 -27.02
CA THR B 65 -12.43 16.85 -27.41
C THR B 65 -12.55 17.92 -26.33
N VAL B 66 -13.74 18.07 -25.76
CA VAL B 66 -13.95 19.06 -24.71
C VAL B 66 -13.11 18.73 -23.48
N ILE B 67 -13.08 17.45 -23.11
CA ILE B 67 -12.28 17.03 -21.95
C ILE B 67 -10.80 17.28 -22.21
N VAL B 68 -10.31 16.90 -23.39
CA VAL B 68 -8.89 17.06 -23.70
C VAL B 68 -8.54 18.54 -23.81
N MET B 69 -9.39 19.33 -24.46
CA MET B 69 -9.08 20.74 -24.67
C MET B 69 -9.04 21.51 -23.34
N LYS B 70 -10.06 21.32 -22.50
CA LYS B 70 -10.11 22.08 -21.25
C LYS B 70 -8.97 21.71 -20.32
N ILE B 71 -8.63 20.42 -20.23
CA ILE B 71 -7.51 20.00 -19.40
C ILE B 71 -6.21 20.58 -19.93
N ALA B 72 -6.04 20.60 -21.26
CA ALA B 72 -4.83 21.17 -21.84
C ALA B 72 -4.73 22.66 -21.57
N LEU B 73 -5.86 23.37 -21.60
CA LEU B 73 -5.88 24.81 -21.39
C LEU B 73 -5.80 25.22 -19.93
N THR B 74 -5.90 24.27 -19.00
CA THR B 74 -5.85 24.56 -17.57
C THR B 74 -4.63 23.97 -16.89
N THR B 75 -4.32 22.70 -17.16
CA THR B 75 -3.16 22.04 -16.55
C THR B 75 -2.10 21.63 -17.56
N GLY B 76 -2.51 21.27 -18.79
CA GLY B 76 -1.59 20.81 -19.80
C GLY B 76 -1.25 19.34 -19.73
N LEU B 77 -1.76 18.62 -18.73
CA LEU B 77 -1.49 17.19 -18.57
C LEU B 77 -2.61 16.44 -19.29
N VAL B 78 -2.42 16.25 -20.59
CA VAL B 78 -3.45 15.61 -21.42
C VAL B 78 -3.49 14.11 -21.06
N PRO B 79 -4.64 13.58 -20.67
CA PRO B 79 -4.72 12.15 -20.38
C PRO B 79 -4.82 11.30 -21.64
N THR B 80 -4.44 10.04 -21.50
CA THR B 80 -4.60 9.06 -22.57
C THR B 80 -5.95 8.38 -22.40
N LEU B 81 -6.87 8.65 -23.33
CA LEU B 81 -8.25 8.19 -23.21
C LEU B 81 -8.62 7.19 -24.31
N ASN B 82 -7.64 6.48 -24.86
CA ASN B 82 -7.92 5.51 -25.90
C ASN B 82 -8.71 4.32 -25.38
N VAL B 83 -8.37 3.83 -24.19
CA VAL B 83 -9.06 2.66 -23.64
C VAL B 83 -10.50 3.01 -23.26
N SER B 84 -10.70 4.21 -22.69
CA SER B 84 -12.03 4.61 -22.26
C SER B 84 -12.98 4.74 -23.44
N ALA B 85 -12.45 5.11 -24.62
CA ALA B 85 -13.28 5.23 -25.81
C ALA B 85 -13.89 3.89 -26.22
N ALA B 86 -13.13 2.80 -26.07
CA ALA B 86 -13.64 1.49 -26.44
C ALA B 86 -14.84 1.11 -25.58
N LEU B 87 -14.74 1.35 -24.27
CA LEU B 87 -15.86 1.04 -23.38
C LEU B 87 -17.07 1.91 -23.68
N LEU B 88 -16.86 3.21 -23.89
CA LEU B 88 -17.97 4.11 -24.16
C LEU B 88 -18.64 3.78 -25.49
N SER B 89 -17.85 3.33 -26.47
CA SER B 89 -18.42 2.92 -27.75
C SER B 89 -19.35 1.73 -27.56
N PHE B 90 -18.95 0.77 -26.73
CA PHE B 90 -19.78 -0.40 -26.48
C PHE B 90 -21.07 -0.01 -25.75
N LEU B 91 -20.95 0.79 -24.70
CA LEU B 91 -22.13 1.16 -23.90
C LEU B 91 -23.11 1.98 -24.73
N ALA B 92 -22.61 2.93 -25.51
CA ALA B 92 -23.50 3.81 -26.27
C ALA B 92 -24.27 3.03 -27.33
N LEU B 93 -23.58 2.17 -28.07
CA LEU B 93 -24.25 1.45 -29.16
C LEU B 93 -25.13 0.32 -28.63
N ARG B 94 -24.68 -0.40 -27.61
CA ARG B 94 -25.51 -1.45 -27.03
C ARG B 94 -26.78 -0.86 -26.42
N GLY B 95 -26.66 0.28 -25.74
CA GLY B 95 -27.85 0.94 -25.23
C GLY B 95 -28.80 1.36 -26.34
N TRP B 96 -28.25 1.83 -27.47
CA TRP B 96 -29.10 2.18 -28.60
C TRP B 96 -29.80 0.96 -29.18
N THR B 97 -29.07 -0.16 -29.32
CA THR B 97 -29.69 -1.37 -29.83
C THR B 97 -30.74 -1.90 -28.86
N ARG B 98 -30.44 -1.90 -27.57
CA ARG B 98 -31.40 -2.39 -26.59
C ARG B 98 -32.62 -1.45 -26.48
N LEU B 99 -32.41 -0.15 -26.66
CA LEU B 99 -33.53 0.77 -26.70
C LEU B 99 -34.47 0.45 -27.85
N LEU B 100 -33.91 0.14 -29.02
CA LEU B 100 -34.73 -0.28 -30.15
C LEU B 100 -35.42 -1.61 -29.87
N GLU B 101 -34.73 -2.52 -29.19
CA GLU B 101 -35.34 -3.80 -28.82
C GLU B 101 -36.50 -3.60 -27.87
N ARG B 102 -36.36 -2.68 -26.91
CA ARG B 102 -37.43 -2.42 -25.95
C ARG B 102 -38.67 -1.86 -26.64
N PHE B 103 -38.47 -0.98 -27.63
CA PHE B 103 -39.57 -0.41 -28.40
C PHE B 103 -40.00 -1.29 -29.56
N GLY B 104 -39.35 -2.43 -29.77
CA GLY B 104 -39.70 -3.34 -30.84
C GLY B 104 -39.01 -3.07 -32.16
N VAL B 105 -38.20 -2.02 -32.26
CA VAL B 105 -37.50 -1.73 -33.51
C VAL B 105 -36.34 -2.70 -33.68
N VAL B 106 -36.19 -3.23 -34.88
CA VAL B 106 -35.14 -4.20 -35.21
C VAL B 106 -33.96 -3.45 -35.78
N SER B 107 -32.75 -3.91 -35.44
CA SER B 107 -31.52 -3.29 -35.90
C SER B 107 -30.50 -4.36 -36.26
N ARG B 108 -29.48 -3.97 -37.02
CA ARG B 108 -28.43 -4.89 -37.39
C ARG B 108 -27.64 -5.32 -36.15
N PRO B 109 -27.15 -6.55 -36.11
CA PRO B 109 -26.36 -7.00 -34.94
C PRO B 109 -25.10 -6.16 -34.77
N PHE B 110 -24.75 -5.91 -33.51
CA PHE B 110 -23.58 -5.12 -33.16
C PHE B 110 -22.39 -6.06 -32.96
N THR B 111 -21.48 -6.10 -33.92
CA THR B 111 -20.36 -7.03 -33.91
C THR B 111 -19.10 -6.34 -33.40
N ARG B 112 -18.04 -7.14 -33.24
CA ARG B 112 -16.77 -6.61 -32.74
C ARG B 112 -16.09 -5.72 -33.78
N GLN B 113 -16.24 -6.03 -35.07
CA GLN B 113 -15.66 -5.18 -36.10
C GLN B 113 -16.28 -3.79 -36.09
N GLU B 114 -17.60 -3.71 -35.87
CA GLU B 114 -18.27 -2.42 -35.79
C GLU B 114 -17.76 -1.62 -34.59
N ASN B 115 -17.53 -2.30 -33.46
CA ASN B 115 -17.03 -1.62 -32.27
C ASN B 115 -15.64 -1.02 -32.53
N THR B 116 -14.78 -1.76 -33.22
CA THR B 116 -13.44 -1.26 -33.52
C THR B 116 -13.50 -0.02 -34.40
N ILE B 117 -14.38 -0.02 -35.40
CA ILE B 117 -14.50 1.12 -36.30
C ILE B 117 -14.95 2.36 -35.55
N VAL B 118 -15.93 2.21 -34.66
CA VAL B 118 -16.44 3.36 -33.89
C VAL B 118 -15.35 3.95 -33.02
N GLN B 119 -14.59 3.10 -32.32
CA GLN B 119 -13.47 3.59 -31.53
C GLN B 119 -12.42 4.24 -32.42
N THR B 120 -12.17 3.64 -33.59
CA THR B 120 -11.18 4.20 -34.51
C THR B 120 -11.56 5.60 -34.96
N CYS B 121 -12.82 5.78 -35.39
CA CYS B 121 -13.26 7.11 -35.79
C CYS B 121 -13.29 8.07 -34.61
N GLY B 122 -13.71 7.60 -33.45
CA GLY B 122 -13.74 8.45 -32.27
C GLY B 122 -12.36 8.87 -31.80
N VAL B 123 -11.41 7.94 -31.83
CA VAL B 123 -10.05 8.26 -31.35
C VAL B 123 -9.42 9.34 -32.21
N ALA B 124 -9.54 9.21 -33.54
CA ALA B 124 -8.92 10.19 -34.42
C ALA B 124 -9.56 11.57 -34.30
N CYS B 125 -10.81 11.63 -33.82
CA CYS B 125 -11.49 12.91 -33.72
C CYS B 125 -10.87 13.79 -32.65
N TYR B 126 -10.65 13.23 -31.45
CA TYR B 126 -10.08 14.01 -30.36
C TYR B 126 -8.56 13.91 -30.28
N THR B 127 -7.94 13.06 -31.10
CA THR B 127 -6.48 13.02 -31.10
C THR B 127 -5.88 14.32 -31.59
N ILE B 128 -6.52 14.95 -32.58
CA ILE B 128 -6.08 16.24 -33.08
C ILE B 128 -6.16 17.32 -32.01
N ALA B 129 -6.99 17.13 -30.99
CA ALA B 129 -7.15 18.14 -29.95
C ALA B 129 -5.83 18.38 -29.21
N PHE B 130 -5.09 17.31 -28.90
CA PHE B 130 -3.81 17.46 -28.24
C PHE B 130 -2.62 17.27 -29.16
N ALA B 131 -2.74 16.46 -30.21
CA ALA B 131 -1.66 16.30 -31.16
C ALA B 131 -1.50 17.51 -32.08
N GLY B 132 -2.53 18.33 -32.20
CA GLY B 132 -2.46 19.55 -32.98
C GLY B 132 -1.83 20.73 -32.28
N GLY B 133 -1.42 20.56 -31.02
CA GLY B 133 -0.78 21.63 -30.28
C GLY B 133 -1.68 22.80 -29.97
N PHE B 134 -2.96 22.55 -29.69
CA PHE B 134 -3.87 23.64 -29.38
C PHE B 134 -3.53 24.30 -28.05
N GLY B 135 -3.07 23.52 -27.08
CA GLY B 135 -2.66 24.05 -25.80
C GLY B 135 -1.17 24.18 -25.59
N SER B 136 -0.37 23.75 -26.56
CA SER B 136 1.09 23.79 -26.43
C SER B 136 1.74 24.72 -27.44
N THR B 137 1.51 24.51 -28.74
CA THR B 137 2.22 25.24 -29.78
C THR B 137 1.36 26.29 -30.47
N LEU B 138 0.18 25.90 -30.96
CA LEU B 138 -0.70 26.86 -31.62
C LEU B 138 -1.14 27.95 -30.65
N LEU B 139 -1.20 27.65 -29.36
CA LEU B 139 -1.47 28.67 -28.36
C LEU B 139 -0.23 29.53 -28.08
N GLY B 140 0.95 29.05 -28.42
CA GLY B 140 2.17 29.82 -28.22
C GLY B 140 2.38 30.93 -29.23
N LEU B 141 1.57 30.99 -30.28
CA LEU B 141 1.66 32.02 -31.29
C LEU B 141 0.88 33.29 -30.92
N ASN B 142 0.15 33.28 -29.81
CA ASN B 142 -0.69 34.42 -29.47
C ASN B 142 0.14 35.62 -29.05
N LYS B 143 -0.46 36.80 -29.14
CA LYS B 143 0.17 38.01 -28.61
C LYS B 143 0.28 37.94 -27.09
N LYS B 144 -0.70 37.31 -26.43
CA LYS B 144 -0.63 37.16 -24.98
C LYS B 144 0.59 36.33 -24.57
N THR B 145 0.84 35.23 -25.28
CA THR B 145 2.03 34.44 -25.02
C THR B 145 3.29 35.19 -25.40
N TYR B 146 3.22 36.02 -26.44
CA TYR B 146 4.39 36.81 -26.85
C TYR B 146 4.80 37.78 -25.75
N GLU B 147 3.82 38.42 -25.10
CA GLU B 147 4.14 39.37 -24.04
C GLU B 147 4.69 38.68 -22.80
N LEU B 148 4.19 37.48 -22.50
CA LEU B 148 4.68 36.75 -21.33
C LEU B 148 6.13 36.33 -21.51
N ALA B 149 6.54 36.04 -22.74
CA ALA B 149 7.92 35.65 -22.99
C ALA B 149 8.89 36.78 -22.65
N GLY B 150 8.51 38.02 -22.96
CA GLY B 150 9.34 39.15 -22.64
C GLY B 150 10.28 39.55 -23.76
N ASP B 151 11.13 40.52 -23.46
CA ASP B 151 12.08 41.04 -24.43
C ASP B 151 13.31 40.15 -24.47
N SER B 152 13.53 39.48 -25.59
CA SER B 152 14.66 38.57 -25.76
C SER B 152 14.97 38.46 -27.25
N PRO B 153 16.19 38.08 -27.60
CA PRO B 153 16.51 37.86 -29.01
C PRO B 153 15.65 36.77 -29.62
N GLY B 154 15.24 36.99 -30.87
CA GLY B 154 14.36 36.09 -31.57
C GLY B 154 12.89 36.42 -31.40
N ASN B 155 12.51 36.96 -30.24
CA ASN B 155 11.12 37.35 -29.98
C ASN B 155 10.84 38.74 -30.55
N VAL B 156 10.89 38.83 -31.86
CA VAL B 156 10.72 40.10 -32.58
C VAL B 156 9.27 40.54 -32.45
N PRO B 157 8.98 41.84 -32.62
CA PRO B 157 7.58 42.29 -32.46
C PRO B 157 6.60 41.69 -33.45
N GLY B 158 7.09 41.15 -34.56
CA GLY B 158 6.20 40.60 -35.58
C GLY B 158 6.18 39.10 -35.64
N SER B 159 6.19 38.44 -34.48
CA SER B 159 6.18 36.98 -34.40
C SER B 159 5.05 36.51 -33.49
N TRP B 160 3.86 37.08 -33.70
CA TRP B 160 2.67 36.65 -32.99
C TRP B 160 1.51 36.51 -33.96
N LYS B 161 0.69 35.50 -33.73
CA LYS B 161 -0.45 35.20 -34.58
C LYS B 161 -1.68 34.92 -33.74
N GLU B 162 -2.82 35.47 -34.15
CA GLU B 162 -4.02 35.28 -33.35
C GLU B 162 -4.81 34.07 -33.84
N PRO B 163 -5.46 33.35 -32.93
CA PRO B 163 -6.24 32.18 -33.34
C PRO B 163 -7.45 32.58 -34.17
N GLY B 164 -7.88 31.65 -35.02
CA GLY B 164 -9.06 31.87 -35.85
C GLY B 164 -9.57 30.55 -36.38
N ILE B 165 -10.89 30.50 -36.60
CA ILE B 165 -11.51 29.27 -37.09
C ILE B 165 -11.02 28.96 -38.49
N GLY B 166 -10.93 29.98 -39.34
CA GLY B 166 -10.63 29.75 -40.75
C GLY B 166 -9.25 29.16 -40.97
N TRP B 167 -8.21 29.79 -40.41
CA TRP B 167 -6.85 29.35 -40.70
C TRP B 167 -6.50 28.07 -39.95
N MET B 168 -7.01 27.92 -38.72
CA MET B 168 -6.76 26.69 -37.97
C MET B 168 -7.36 25.48 -38.67
N THR B 169 -8.60 25.61 -39.16
CA THR B 169 -9.21 24.52 -39.91
C THR B 169 -8.42 24.23 -41.18
N GLY B 170 -8.01 25.27 -41.90
CA GLY B 170 -7.21 25.07 -43.09
C GLY B 170 -5.84 24.50 -42.79
N PHE B 171 -5.23 24.95 -41.69
CA PHE B 171 -3.92 24.43 -41.31
C PHE B 171 -3.97 22.94 -41.02
N LEU B 172 -4.98 22.50 -40.27
CA LEU B 172 -5.09 21.10 -39.92
C LEU B 172 -5.37 20.24 -41.15
N LEU B 173 -6.32 20.67 -41.99
CA LEU B 173 -6.70 19.87 -43.15
C LEU B 173 -5.51 19.65 -44.08
N ALA B 174 -4.61 20.63 -44.15
CA ALA B 174 -3.43 20.50 -45.02
C ALA B 174 -2.47 19.44 -44.49
N CYS B 175 -2.31 19.36 -43.17
CA CYS B 175 -1.28 18.50 -42.59
C CYS B 175 -1.82 17.25 -41.91
N SER B 176 -3.10 17.24 -41.50
CA SER B 176 -3.61 16.07 -40.78
C SER B 176 -3.70 14.84 -41.68
N PHE B 177 -4.04 15.02 -42.95
CA PHE B 177 -4.19 13.90 -43.87
C PHE B 177 -2.87 13.47 -44.50
N GLY B 178 -1.75 13.93 -43.96
CA GLY B 178 -0.45 13.49 -44.44
C GLY B 178 0.02 12.25 -43.74
N GLY B 179 -0.19 12.21 -42.42
CA GLY B 179 0.21 11.04 -41.65
C GLY B 179 -0.57 9.79 -41.99
N LEU B 180 -1.85 9.96 -42.37
CA LEU B 180 -2.70 8.80 -42.64
C LEU B 180 -2.17 7.99 -43.82
N LEU B 181 -1.71 8.67 -44.87
CA LEU B 181 -1.21 7.96 -46.04
C LEU B 181 0.04 7.15 -45.72
N THR B 182 0.92 7.70 -44.87
CA THR B 182 2.12 6.98 -44.48
C THR B 182 1.80 5.72 -43.66
N LEU B 183 0.63 5.67 -43.04
CA LEU B 183 0.28 4.55 -42.18
C LEU B 183 0.08 3.26 -42.97
N ILE B 184 -0.42 3.36 -44.20
CA ILE B 184 -0.75 2.15 -44.96
C ILE B 184 0.49 1.27 -45.20
N PRO B 185 1.61 1.80 -45.69
CA PRO B 185 2.82 0.95 -45.75
C PRO B 185 3.32 0.53 -44.38
N LEU B 186 3.11 1.35 -43.36
CA LEU B 186 3.61 1.04 -42.03
C LEU B 186 2.86 -0.13 -41.39
N ARG B 187 1.59 -0.32 -41.74
CA ARG B 187 0.83 -1.41 -41.14
C ARG B 187 1.41 -2.77 -41.48
N GLN B 188 1.81 -2.96 -42.74
CA GLN B 188 2.32 -4.26 -43.17
C GLN B 188 3.66 -4.57 -42.50
N VAL B 189 4.59 -3.62 -42.50
CA VAL B 189 5.94 -3.88 -42.01
C VAL B 189 5.94 -4.04 -40.49
N LEU B 190 5.14 -3.24 -39.79
CA LEU B 190 5.20 -3.24 -38.33
C LEU B 190 4.23 -4.23 -37.69
N VAL B 191 2.95 -4.16 -38.03
CA VAL B 191 1.97 -4.99 -37.35
C VAL B 191 2.11 -6.46 -37.74
N VAL B 192 2.26 -6.75 -39.03
CA VAL B 192 2.16 -8.12 -39.53
C VAL B 192 3.51 -8.71 -39.85
N ASP B 193 4.49 -7.87 -40.22
CA ASP B 193 5.80 -8.41 -40.60
C ASP B 193 6.75 -8.46 -39.40
N TYR B 194 7.00 -7.32 -38.77
CA TYR B 194 7.85 -7.28 -37.59
C TYR B 194 7.16 -7.90 -36.39
N LYS B 195 5.84 -8.02 -36.42
CA LYS B 195 5.05 -8.62 -35.34
C LYS B 195 5.26 -7.91 -34.01
N LEU B 196 5.42 -6.58 -34.05
CA LEU B 196 5.54 -5.81 -32.82
C LEU B 196 4.24 -5.90 -32.02
N VAL B 197 4.37 -6.00 -30.70
CA VAL B 197 3.23 -6.08 -29.80
C VAL B 197 2.94 -4.68 -29.30
N TYR B 198 1.75 -4.18 -29.61
CA TYR B 198 1.31 -2.89 -29.08
C TYR B 198 0.46 -3.16 -27.84
N PRO B 199 1.01 -2.98 -26.63
CA PRO B 199 0.26 -3.37 -25.43
C PRO B 199 -1.08 -2.65 -25.29
N SER B 200 -1.14 -1.37 -25.65
CA SER B 200 -2.43 -0.68 -25.62
C SER B 200 -3.35 -1.19 -26.71
N GLY B 201 -2.80 -1.46 -27.89
CA GLY B 201 -3.60 -2.04 -28.96
C GLY B 201 -4.04 -3.47 -28.64
N THR B 202 -3.12 -4.26 -28.07
CA THR B 202 -3.46 -5.63 -27.68
C THR B 202 -4.50 -5.66 -26.57
N ALA B 203 -4.35 -4.79 -25.56
CA ALA B 203 -5.29 -4.78 -24.45
C ALA B 203 -6.69 -4.37 -24.90
N THR B 204 -6.77 -3.35 -25.76
CA THR B 204 -8.07 -2.92 -26.26
C THR B 204 -8.72 -4.01 -27.12
N ALA B 205 -7.91 -4.71 -27.94
CA ALA B 205 -8.46 -5.75 -28.79
C ALA B 205 -9.05 -6.89 -27.96
N ILE B 206 -8.36 -7.30 -26.90
CA ILE B 206 -8.90 -8.34 -26.02
C ILE B 206 -10.14 -7.84 -25.30
N LEU B 207 -10.14 -6.58 -24.88
CA LEU B 207 -11.32 -6.01 -24.23
C LEU B 207 -12.50 -5.99 -25.20
N ILE B 208 -12.27 -5.58 -26.44
CA ILE B 208 -13.35 -5.52 -27.43
C ILE B 208 -13.85 -6.92 -27.76
N ASN B 209 -12.94 -7.88 -27.89
CA ASN B 209 -13.35 -9.26 -28.16
C ASN B 209 -14.19 -9.81 -27.02
N GLY B 210 -13.80 -9.54 -25.78
CA GLY B 210 -14.53 -10.06 -24.64
C GLY B 210 -15.97 -9.57 -24.59
N PHE B 211 -16.20 -8.33 -25.00
CA PHE B 211 -17.56 -7.79 -25.03
C PHE B 211 -18.44 -8.57 -25.99
N HIS B 212 -17.93 -8.92 -27.17
CA HIS B 212 -18.71 -9.56 -28.21
C HIS B 212 -18.54 -11.07 -28.26
N THR B 213 -17.75 -11.65 -27.36
CA THR B 213 -17.54 -13.10 -27.32
C THR B 213 -18.61 -13.70 -26.41
N ASP B 214 -19.58 -14.39 -27.01
CA ASP B 214 -20.64 -15.07 -26.27
C ASP B 214 -20.55 -16.58 -26.41
N GLN B 215 -19.52 -17.09 -27.08
CA GLN B 215 -19.37 -18.52 -27.24
C GLN B 215 -19.00 -19.18 -25.92
N GLY B 216 -19.53 -20.39 -25.70
CA GLY B 216 -19.21 -21.14 -24.51
C GLY B 216 -18.17 -22.22 -24.75
N ASP B 217 -16.93 -21.96 -24.33
CA ASP B 217 -15.83 -22.89 -24.53
C ASP B 217 -15.21 -23.22 -23.18
N LYS B 218 -14.33 -24.23 -23.19
CA LYS B 218 -13.64 -24.61 -21.97
C LYS B 218 -12.70 -23.52 -21.50
N ASN B 219 -12.15 -22.73 -22.42
CA ASN B 219 -11.23 -21.65 -22.09
C ASN B 219 -11.85 -20.27 -22.18
N SER B 220 -12.86 -20.08 -23.05
CA SER B 220 -13.46 -18.77 -23.21
C SER B 220 -14.09 -18.27 -21.92
N ARG B 221 -14.77 -19.16 -21.19
CA ARG B 221 -15.36 -18.76 -19.92
C ARG B 221 -14.31 -18.34 -18.91
N LYS B 222 -13.20 -19.09 -18.85
CA LYS B 222 -12.14 -18.75 -17.91
C LYS B 222 -11.39 -17.48 -18.33
N GLN B 223 -11.28 -17.24 -19.65
CA GLN B 223 -10.64 -16.02 -20.11
C GLN B 223 -11.41 -14.80 -19.67
N ILE B 224 -12.74 -14.84 -19.82
CA ILE B 224 -13.57 -13.68 -19.48
C ILE B 224 -13.60 -13.47 -17.97
N ARG B 225 -13.82 -14.54 -17.21
CA ARG B 225 -13.90 -14.43 -15.76
C ARG B 225 -12.56 -13.99 -15.17
N GLY B 226 -11.46 -14.53 -15.66
CA GLY B 226 -10.16 -14.08 -15.21
C GLY B 226 -9.90 -12.62 -15.55
N PHE B 227 -10.38 -12.18 -16.72
CA PHE B 227 -10.26 -10.78 -17.09
C PHE B 227 -11.05 -9.89 -16.14
N LEU B 228 -12.27 -10.30 -15.79
CA LEU B 228 -13.14 -9.46 -14.97
C LEU B 228 -12.60 -9.29 -13.55
N LYS B 229 -11.99 -10.35 -13.00
CA LYS B 229 -11.49 -10.27 -11.63
C LYS B 229 -10.38 -9.23 -11.50
N TYR B 230 -9.44 -9.21 -12.46
CA TYR B 230 -8.36 -8.24 -12.41
C TYR B 230 -8.75 -6.88 -12.97
N PHE B 231 -9.73 -6.82 -13.86
CA PHE B 231 -10.21 -5.54 -14.36
C PHE B 231 -10.86 -4.74 -13.24
N GLY B 232 -11.70 -5.38 -12.43
CA GLY B 232 -12.31 -4.68 -11.31
C GLY B 232 -11.30 -4.32 -10.24
N GLY B 233 -10.35 -5.21 -9.97
CA GLY B 233 -9.33 -4.90 -8.97
C GLY B 233 -8.43 -3.76 -9.39
N SER B 234 -8.01 -3.75 -10.66
CA SER B 234 -7.18 -2.66 -11.15
C SER B 234 -7.93 -1.34 -11.15
N PHE B 235 -9.21 -1.35 -11.54
CA PHE B 235 -9.99 -0.12 -11.52
C PHE B 235 -10.17 0.40 -10.10
N LEU B 236 -10.47 -0.48 -9.15
CA LEU B 236 -10.62 -0.07 -7.77
C LEU B 236 -9.29 0.39 -7.18
N TRP B 237 -8.19 -0.27 -7.55
CA TRP B 237 -6.88 0.17 -7.08
C TRP B 237 -6.55 1.57 -7.58
N SER B 238 -6.81 1.84 -8.87
CA SER B 238 -6.60 3.18 -9.40
C SER B 238 -7.57 4.17 -8.78
N PHE B 239 -8.81 3.75 -8.54
CA PHE B 239 -9.78 4.61 -7.86
C PHE B 239 -9.33 4.92 -6.44
N PHE B 240 -8.78 3.92 -5.74
CA PHE B 240 -8.33 4.14 -4.37
C PHE B 240 -7.13 5.07 -4.30
N GLN B 241 -6.19 4.94 -5.25
CA GLN B 241 -5.00 5.78 -5.23
C GLN B 241 -5.34 7.26 -5.42
N TRP B 242 -6.48 7.55 -6.04
CA TRP B 242 -6.80 8.92 -6.42
C TRP B 242 -6.91 9.84 -5.20
N PHE B 243 -7.42 9.32 -4.09
CA PHE B 243 -7.67 10.15 -2.92
C PHE B 243 -6.40 10.58 -2.20
N TYR B 244 -5.25 9.99 -2.52
CA TYR B 244 -4.02 10.28 -1.80
C TYR B 244 -2.94 10.92 -2.65
N THR B 245 -3.21 11.17 -3.93
CA THR B 245 -2.30 11.92 -4.78
C THR B 245 -2.68 13.40 -4.82
N GLY B 246 -2.75 14.02 -3.65
CA GLY B 246 -3.26 15.38 -3.54
C GLY B 246 -2.19 16.44 -3.38
N GLY B 247 -1.12 16.34 -4.14
CA GLY B 247 -0.07 17.34 -4.08
C GLY B 247 1.06 16.99 -5.03
N ASP B 248 2.09 17.83 -4.99
CA ASP B 248 3.27 17.61 -5.81
C ASP B 248 4.10 16.46 -5.23
N ALA B 249 4.18 15.37 -5.98
CA ALA B 249 4.98 14.20 -5.61
C ALA B 249 4.56 13.62 -4.26
N CYS B 250 3.31 13.16 -4.21
CA CYS B 250 2.84 12.38 -3.08
C CYS B 250 1.75 11.43 -3.56
N GLY B 251 1.73 10.24 -2.99
CA GLY B 251 0.80 9.19 -3.38
C GLY B 251 1.52 7.88 -3.62
N PHE B 252 0.79 6.84 -4.00
CA PHE B 252 1.42 5.57 -4.31
C PHE B 252 2.28 5.65 -5.57
N VAL B 253 2.03 6.62 -6.45
CA VAL B 253 2.84 6.77 -7.64
C VAL B 253 4.28 7.17 -7.26
N GLN B 254 4.43 8.08 -6.31
CA GLN B 254 5.75 8.54 -5.88
C GLN B 254 6.18 7.82 -4.61
N PHE B 255 6.18 6.49 -4.67
CA PHE B 255 6.47 5.66 -3.51
C PHE B 255 7.94 5.26 -3.51
N PRO B 256 8.73 5.66 -2.50
CA PRO B 256 10.15 5.25 -2.42
C PRO B 256 10.33 3.82 -1.94
N THR B 257 10.12 2.87 -2.84
CA THR B 257 10.21 1.46 -2.48
C THR B 257 11.63 1.01 -2.19
N PHE B 258 12.63 1.78 -2.63
CA PHE B 258 14.04 1.46 -2.37
C PHE B 258 14.75 2.58 -1.64
N GLY B 259 14.02 3.47 -1.00
CA GLY B 259 14.60 4.57 -0.26
C GLY B 259 14.42 5.90 -0.98
N LEU B 260 14.64 6.98 -0.22
CA LEU B 260 14.50 8.32 -0.78
C LEU B 260 15.66 8.68 -1.71
N LYS B 261 16.85 8.17 -1.44
CA LYS B 261 17.99 8.43 -2.32
C LYS B 261 17.76 7.85 -3.70
N ALA B 262 17.25 6.62 -3.77
CA ALA B 262 16.94 6.02 -5.06
C ALA B 262 15.73 6.67 -5.71
N TRP B 263 14.77 7.12 -4.91
CA TRP B 263 13.59 7.77 -5.48
C TRP B 263 13.95 9.07 -6.20
N LYS B 264 14.84 9.87 -5.60
CA LYS B 264 15.27 11.10 -6.26
C LYS B 264 16.08 10.80 -7.52
N GLN B 265 16.61 9.58 -7.63
CA GLN B 265 17.26 9.12 -8.85
C GLN B 265 16.28 8.41 -9.78
N THR B 266 14.98 8.52 -9.51
CA THR B 266 13.93 7.91 -10.32
C THR B 266 14.14 6.40 -10.46
N PHE B 267 14.49 5.76 -9.34
CA PHE B 267 14.67 4.31 -9.32
C PHE B 267 13.73 3.67 -8.31
N TYR B 268 12.48 4.10 -8.30
CA TYR B 268 11.47 3.62 -7.39
C TYR B 268 10.50 2.71 -8.14
N PHE B 269 9.47 2.27 -7.42
CA PHE B 269 8.42 1.42 -8.00
C PHE B 269 7.08 2.09 -7.78
N ASP B 270 6.58 2.77 -8.79
CA ASP B 270 5.22 3.27 -8.77
C ASP B 270 4.25 2.11 -8.97
N PHE B 271 3.12 2.18 -8.28
CA PHE B 271 2.13 1.11 -8.33
C PHE B 271 1.21 1.25 -9.54
N SER B 272 1.81 1.36 -10.73
CA SER B 272 1.07 1.55 -11.97
C SER B 272 0.84 0.19 -12.62
N MET B 273 -0.42 -0.22 -12.67
CA MET B 273 -0.77 -1.49 -13.30
C MET B 273 -0.70 -1.44 -14.82
N THR B 274 -0.70 -0.24 -15.41
CA THR B 274 -0.54 -0.13 -16.85
C THR B 274 0.85 -0.58 -17.28
N TYR B 275 1.88 -0.07 -16.61
CA TYR B 275 3.25 -0.48 -16.93
C TYR B 275 3.52 -1.92 -16.53
N VAL B 276 2.97 -2.39 -15.42
CA VAL B 276 3.09 -3.80 -15.05
C VAL B 276 2.37 -4.67 -16.07
N GLY B 277 1.15 -4.27 -16.45
CA GLY B 277 0.41 -5.03 -17.44
C GLY B 277 1.05 -5.00 -18.81
N ALA B 278 1.64 -3.86 -19.19
CA ALA B 278 2.30 -3.78 -20.49
C ALA B 278 3.52 -4.70 -20.55
N GLY B 279 4.30 -4.76 -19.46
CA GLY B 279 5.49 -5.57 -19.44
C GLY B 279 5.23 -7.06 -19.46
N MET B 280 4.01 -7.47 -19.11
CA MET B 280 3.70 -8.91 -19.10
C MET B 280 3.61 -9.47 -20.52
N ILE B 281 3.09 -8.69 -21.46
CA ILE B 281 2.90 -9.15 -22.83
C ILE B 281 4.07 -8.78 -23.74
N CYS B 282 5.09 -8.14 -23.20
CA CYS B 282 6.29 -7.81 -23.97
C CYS B 282 7.35 -8.89 -23.79
N PRO B 283 8.19 -9.11 -24.81
CA PRO B 283 9.27 -10.08 -24.65
C PRO B 283 10.27 -9.63 -23.60
N HIS B 284 10.94 -10.61 -22.99
CA HIS B 284 11.84 -10.31 -21.88
C HIS B 284 13.01 -9.43 -22.32
N ILE B 285 13.46 -9.58 -23.57
CA ILE B 285 14.59 -8.78 -24.03
C ILE B 285 14.24 -7.29 -24.05
N VAL B 286 13.00 -6.95 -24.38
CA VAL B 286 12.56 -5.56 -24.34
C VAL B 286 12.56 -5.05 -22.89
N ASN B 287 12.02 -5.85 -21.97
CA ASN B 287 11.96 -5.43 -20.58
C ASN B 287 13.35 -5.30 -19.97
N ILE B 288 14.25 -6.24 -20.28
CA ILE B 288 15.63 -6.15 -19.79
C ILE B 288 16.33 -4.94 -20.39
N SER B 289 16.14 -4.68 -21.69
CA SER B 289 16.78 -3.54 -22.33
C SER B 289 16.33 -2.23 -21.70
N THR B 290 15.05 -2.17 -21.30
CA THR B 290 14.54 -0.97 -20.64
C THR B 290 15.28 -0.72 -19.33
N LEU B 291 15.55 -1.79 -18.57
CA LEU B 291 16.28 -1.65 -17.32
C LEU B 291 17.70 -1.17 -17.56
N LEU B 292 18.34 -1.66 -18.62
CA LEU B 292 19.70 -1.23 -18.93
C LEU B 292 19.76 0.27 -19.24
N GLY B 293 18.77 0.76 -19.98
CA GLY B 293 18.74 2.19 -20.29
C GLY B 293 18.63 3.05 -19.06
N ALA B 294 17.83 2.62 -18.08
CA ALA B 294 17.70 3.37 -16.83
C ALA B 294 19.00 3.38 -16.06
N ILE B 295 19.69 2.24 -15.98
CA ILE B 295 20.94 2.15 -15.24
C ILE B 295 22.03 2.99 -15.91
N ILE B 296 22.12 2.91 -17.23
CA ILE B 296 23.15 3.65 -17.95
C ILE B 296 22.91 5.16 -17.85
N SER B 297 21.66 5.58 -18.01
CA SER B 297 21.35 7.02 -18.02
C SER B 297 21.25 7.58 -16.60
N TRP B 298 20.29 7.08 -15.82
CA TRP B 298 20.02 7.64 -14.50
C TRP B 298 20.98 7.15 -13.44
N GLY B 299 21.60 5.98 -13.63
CA GLY B 299 22.49 5.45 -12.62
C GLY B 299 23.95 5.78 -12.87
N ILE B 300 24.31 6.09 -14.11
CA ILE B 300 25.70 6.32 -14.46
C ILE B 300 25.89 7.68 -15.12
N MET B 301 25.19 7.91 -16.23
CA MET B 301 25.50 9.06 -17.08
C MET B 301 25.09 10.36 -16.41
N TRP B 302 23.81 10.52 -16.08
CA TRP B 302 23.35 11.78 -15.50
C TRP B 302 24.05 12.13 -14.19
N PRO B 303 24.31 11.21 -13.25
CA PRO B 303 25.11 11.58 -12.08
C PRO B 303 26.51 12.09 -12.44
N LEU B 304 27.14 11.50 -13.46
CA LEU B 304 28.48 11.94 -13.84
C LEU B 304 28.45 13.28 -14.55
N ILE B 305 27.50 13.48 -15.46
CA ILE B 305 27.42 14.73 -16.20
C ILE B 305 27.01 15.88 -15.27
N SER B 306 26.15 15.59 -14.30
CA SER B 306 25.69 16.64 -13.38
C SER B 306 26.81 17.11 -12.46
N LYS B 307 27.93 16.39 -12.43
CA LYS B 307 29.06 16.76 -11.59
C LYS B 307 29.80 17.97 -12.17
N ASN B 308 29.43 18.37 -13.38
CA ASN B 308 30.02 19.51 -14.08
C ASN B 308 28.99 20.60 -14.28
N LYS B 309 28.19 20.88 -13.25
CA LYS B 309 27.12 21.85 -13.35
C LYS B 309 27.62 23.29 -13.51
N GLY B 310 28.90 23.55 -13.28
CA GLY B 310 29.41 24.89 -13.41
C GLY B 310 30.36 25.07 -14.58
N ASP B 311 30.88 23.95 -15.11
CA ASP B 311 31.86 24.01 -16.19
C ASP B 311 31.23 23.77 -17.56
N TRP B 312 30.55 22.64 -17.72
CA TRP B 312 30.02 22.29 -19.04
C TRP B 312 28.83 23.17 -19.43
N TYR B 313 27.90 23.39 -18.52
CA TYR B 313 26.72 24.19 -18.79
C TYR B 313 26.51 25.16 -17.63
N PRO B 314 25.88 26.30 -17.87
CA PRO B 314 25.65 27.26 -16.79
C PRO B 314 24.75 26.67 -15.70
N ALA B 315 25.02 27.08 -14.46
CA ALA B 315 24.24 26.62 -13.32
C ALA B 315 23.08 27.53 -12.97
N LYS B 316 23.11 28.79 -13.41
CA LYS B 316 22.02 29.72 -13.12
C LYS B 316 20.74 29.32 -13.86
N VAL B 317 20.87 28.85 -15.10
CA VAL B 317 19.69 28.44 -15.85
C VAL B 317 19.10 27.19 -15.23
N PRO B 318 17.77 27.07 -15.13
CA PRO B 318 17.17 25.88 -14.53
C PRO B 318 17.31 24.67 -15.44
N GLU B 319 17.14 23.50 -14.84
CA GLU B 319 17.16 22.25 -15.59
C GLU B 319 15.87 22.12 -16.41
N SER B 320 15.73 20.97 -17.06
CA SER B 320 14.61 20.71 -17.97
C SER B 320 14.59 21.72 -19.12
N SER B 321 15.74 22.27 -19.45
CA SER B 321 15.90 23.19 -20.57
C SER B 321 17.10 22.76 -21.39
N MET B 322 17.01 23.00 -22.71
CA MET B 322 18.03 22.51 -23.63
C MET B 322 19.41 23.05 -23.33
N LYS B 323 19.52 24.15 -22.58
CA LYS B 323 20.81 24.72 -22.21
C LYS B 323 21.41 24.06 -20.98
N SER B 324 20.65 23.27 -20.21
CA SER B 324 21.16 22.74 -18.94
C SER B 324 20.59 21.34 -18.71
N LEU B 325 21.40 20.34 -19.08
CA LEU B 325 21.21 18.94 -18.70
C LEU B 325 20.01 18.30 -19.38
N TYR B 326 19.18 19.09 -20.06
CA TYR B 326 18.11 18.51 -20.85
C TYR B 326 18.52 18.35 -22.31
N GLY B 327 19.55 19.08 -22.74
CA GLY B 327 20.12 18.81 -24.05
C GLY B 327 20.68 17.40 -24.14
N TYR B 328 21.33 16.94 -23.06
CA TYR B 328 21.78 15.55 -23.01
C TYR B 328 20.59 14.59 -23.02
N LYS B 329 19.53 14.92 -22.28
CA LYS B 329 18.38 14.05 -22.21
C LYS B 329 17.73 13.87 -23.58
N ALA B 330 17.51 14.97 -24.30
CA ALA B 330 16.77 14.90 -25.55
C ALA B 330 17.64 14.36 -26.68
N PHE B 331 18.86 14.89 -26.83
CA PHE B 331 19.69 14.54 -27.97
C PHE B 331 20.26 13.13 -27.90
N ILE B 332 20.63 12.65 -26.71
CA ILE B 332 21.12 11.28 -26.59
C ILE B 332 20.00 10.28 -26.79
N CYS B 333 18.81 10.58 -26.25
CA CYS B 333 17.68 9.68 -26.42
C CYS B 333 17.27 9.56 -27.89
N ILE B 334 17.21 10.69 -28.60
CA ILE B 334 16.85 10.64 -30.02
C ILE B 334 17.98 10.02 -30.82
N ALA B 335 19.22 10.16 -30.35
CA ALA B 335 20.35 9.55 -31.06
C ALA B 335 20.24 8.03 -31.07
N LEU B 336 19.85 7.44 -29.93
CA LEU B 336 19.67 6.00 -29.87
C LEU B 336 18.58 5.54 -30.82
N ILE B 337 17.46 6.27 -30.85
CA ILE B 337 16.36 5.88 -31.72
C ILE B 337 16.72 6.09 -33.18
N MET B 338 17.32 7.25 -33.50
CA MET B 338 17.76 7.50 -34.86
C MET B 338 18.84 6.50 -35.29
N GLY B 339 19.76 6.19 -34.39
CA GLY B 339 20.77 5.18 -34.70
C GLY B 339 20.16 3.83 -35.02
N ASP B 340 19.09 3.47 -34.30
CA ASP B 340 18.40 2.20 -34.56
C ASP B 340 17.34 2.35 -35.65
N GLY B 341 16.64 3.49 -35.69
CA GLY B 341 15.60 3.68 -36.69
C GLY B 341 16.14 3.79 -38.10
N MET B 342 17.26 4.51 -38.28
CA MET B 342 17.83 4.65 -39.61
C MET B 342 18.28 3.32 -40.18
N TYR B 343 18.90 2.49 -39.35
CA TYR B 343 19.34 1.17 -39.82
C TYR B 343 18.16 0.32 -40.27
N HIS B 344 17.06 0.33 -39.51
CA HIS B 344 15.90 -0.45 -39.90
C HIS B 344 15.23 0.12 -41.14
N PHE B 345 15.09 1.45 -41.21
CA PHE B 345 14.43 2.07 -42.36
C PHE B 345 15.25 1.86 -43.63
N ILE B 346 16.58 1.99 -43.54
CA ILE B 346 17.42 1.75 -44.71
C ILE B 346 17.34 0.29 -45.14
N LYS B 347 17.32 -0.63 -44.17
CA LYS B 347 17.23 -2.05 -44.49
C LYS B 347 15.94 -2.37 -45.23
N ILE B 348 14.82 -1.78 -44.80
CA ILE B 348 13.54 -2.01 -45.48
C ILE B 348 13.61 -1.49 -46.91
N VAL B 349 14.15 -0.29 -47.10
CA VAL B 349 14.32 0.25 -48.45
C VAL B 349 15.26 -0.62 -49.26
N GLY B 350 16.36 -1.07 -48.64
CA GLY B 350 17.30 -1.92 -49.34
C GLY B 350 16.69 -3.24 -49.77
N ILE B 351 15.90 -3.86 -48.89
CA ILE B 351 15.21 -5.10 -49.25
C ILE B 351 14.22 -4.86 -50.37
N THR B 352 13.44 -3.77 -50.27
CA THR B 352 12.46 -3.45 -51.31
C THR B 352 13.15 -3.14 -52.63
N ALA B 353 14.27 -2.40 -52.58
CA ALA B 353 15.00 -2.07 -53.81
C ALA B 353 15.53 -3.33 -54.48
N MET B 354 16.09 -4.25 -53.70
CA MET B 354 16.61 -5.49 -54.28
C MET B 354 15.48 -6.33 -54.88
N SER B 355 14.32 -6.38 -54.21
CA SER B 355 13.21 -7.16 -54.72
C SER B 355 12.72 -6.62 -56.05
N MET B 356 12.62 -5.29 -56.18
CA MET B 356 12.21 -4.71 -57.45
C MET B 356 13.25 -4.94 -58.54
N TYR B 357 14.54 -4.84 -58.18
CA TYR B 357 15.60 -5.05 -59.17
C TYR B 357 15.60 -6.48 -59.68
N ARG B 358 15.38 -7.45 -58.79
CA ARG B 358 15.32 -8.85 -59.22
C ARG B 358 14.14 -9.08 -60.16
N GLN B 359 12.99 -8.47 -59.88
CA GLN B 359 11.82 -8.61 -60.72
C GLN B 359 12.02 -7.93 -62.07
N PRO B 393 -0.69 -1.52 -54.12
CA PRO B 393 -1.16 -0.34 -53.39
C PRO B 393 -0.06 0.32 -52.55
N SER B 394 1.14 -0.25 -52.60
CA SER B 394 2.25 0.33 -51.85
C SER B 394 2.60 1.72 -52.36
N TRP B 395 2.65 1.90 -53.68
CA TRP B 395 2.94 3.21 -54.26
C TRP B 395 1.73 4.12 -54.32
N MET B 396 0.52 3.58 -54.18
CA MET B 396 -0.67 4.42 -54.19
C MET B 396 -0.72 5.33 -52.97
N ALA B 397 -0.37 4.79 -51.80
CA ALA B 397 -0.39 5.59 -50.57
C ALA B 397 0.64 6.72 -50.64
N TYR B 398 1.84 6.41 -51.14
CA TYR B 398 2.87 7.45 -51.23
C TYR B 398 2.55 8.47 -52.32
N ALA B 399 1.88 8.04 -53.40
CA ALA B 399 1.44 8.99 -54.41
C ALA B 399 0.45 10.00 -53.82
N GLY B 400 -0.50 9.51 -53.02
CA GLY B 400 -1.41 10.41 -52.33
C GLY B 400 -0.71 11.25 -51.28
N TYR B 401 0.30 10.68 -50.61
CA TYR B 401 1.05 11.44 -49.62
C TYR B 401 1.79 12.61 -50.27
N ALA B 402 2.38 12.39 -51.45
CA ALA B 402 3.06 13.47 -52.15
C ALA B 402 2.09 14.57 -52.54
N LEU B 403 0.86 14.20 -52.94
CA LEU B 403 -0.13 15.19 -53.31
C LEU B 403 -0.47 16.10 -52.13
N PHE B 404 -0.68 15.52 -50.96
CA PHE B 404 -0.97 16.34 -49.78
C PHE B 404 0.27 17.09 -49.31
N SER B 405 1.46 16.52 -49.54
CA SER B 405 2.69 17.21 -49.19
C SER B 405 2.83 18.49 -50.00
N VAL B 406 2.58 18.42 -51.30
CA VAL B 406 2.62 19.61 -52.14
C VAL B 406 1.53 20.59 -51.75
N LEU B 407 0.34 20.08 -51.43
CA LEU B 407 -0.76 20.94 -51.01
C LEU B 407 -0.41 21.70 -49.74
N ALA B 408 0.28 21.03 -48.80
CA ALA B 408 0.72 21.72 -47.60
C ALA B 408 1.80 22.76 -47.91
N VAL B 409 2.70 22.44 -48.85
CA VAL B 409 3.79 23.35 -49.18
C VAL B 409 3.25 24.65 -49.77
N VAL B 410 2.20 24.55 -50.58
CA VAL B 410 1.69 25.75 -51.25
C VAL B 410 0.75 26.52 -50.34
N THR B 411 0.29 25.90 -49.25
CA THR B 411 -0.72 26.51 -48.41
C THR B 411 -0.18 27.08 -47.10
N ILE B 412 0.71 26.39 -46.42
CA ILE B 412 1.19 26.80 -45.09
C ILE B 412 1.90 28.16 -45.13
N PRO B 413 2.84 28.41 -46.04
CA PRO B 413 3.50 29.73 -46.05
C PRO B 413 2.55 30.88 -46.37
N VAL B 414 1.39 30.62 -46.98
CA VAL B 414 0.41 31.68 -47.17
C VAL B 414 -0.10 32.18 -45.83
N MET B 415 -0.39 31.26 -44.91
CA MET B 415 -0.85 31.65 -43.59
C MET B 415 0.26 32.34 -42.80
N PHE B 416 1.47 31.80 -42.86
CA PHE B 416 2.61 32.30 -42.08
C PHE B 416 3.69 32.77 -43.07
N LYS B 417 3.88 34.08 -43.16
CA LYS B 417 4.95 34.61 -44.00
C LYS B 417 6.32 34.19 -43.47
N GLN B 418 6.41 33.90 -42.17
CA GLN B 418 7.68 33.48 -41.59
C GLN B 418 8.16 32.15 -42.17
N VAL B 419 7.24 31.20 -42.35
CA VAL B 419 7.59 29.89 -42.86
C VAL B 419 7.87 29.99 -44.36
N LYS B 420 8.99 29.40 -44.78
CA LYS B 420 9.38 29.36 -46.18
C LYS B 420 8.97 28.02 -46.79
N TRP B 421 8.87 27.98 -48.12
CA TRP B 421 8.33 26.83 -48.82
C TRP B 421 9.16 25.57 -48.58
N TYR B 422 10.48 25.70 -48.58
CA TYR B 422 11.34 24.52 -48.44
C TYR B 422 11.43 24.03 -47.00
N TYR B 423 11.01 24.84 -46.01
CA TYR B 423 10.91 24.33 -44.65
C TYR B 423 9.87 23.22 -44.57
N VAL B 424 8.73 23.40 -45.24
CA VAL B 424 7.68 22.38 -45.24
C VAL B 424 8.13 21.15 -46.01
N VAL B 425 8.88 21.33 -47.11
CA VAL B 425 9.35 20.19 -47.89
C VAL B 425 10.26 19.31 -47.06
N ILE B 426 11.20 19.92 -46.32
CA ILE B 426 12.12 19.15 -45.49
C ILE B 426 11.34 18.42 -44.39
N ALA B 427 10.35 19.10 -43.80
CA ALA B 427 9.55 18.48 -42.75
C ALA B 427 8.83 17.25 -43.27
N TYR B 428 8.24 17.35 -44.47
CA TYR B 428 7.49 16.22 -45.01
C TYR B 428 8.40 15.12 -45.54
N VAL B 429 9.63 15.46 -45.93
CA VAL B 429 10.55 14.42 -46.39
C VAL B 429 10.99 13.54 -45.23
N VAL B 430 11.34 14.15 -44.09
CA VAL B 430 11.81 13.37 -42.95
C VAL B 430 10.69 12.86 -42.05
N ALA B 431 9.46 13.30 -42.29
CA ALA B 431 8.34 12.84 -41.46
C ALA B 431 8.11 11.33 -41.53
N PRO B 432 8.08 10.68 -42.71
CA PRO B 432 7.94 9.22 -42.70
C PRO B 432 9.03 8.50 -41.95
N MET B 433 10.26 9.00 -42.01
CA MET B 433 11.35 8.39 -41.25
C MET B 433 11.14 8.57 -39.75
N LEU B 434 10.83 9.80 -39.32
CA LEU B 434 10.57 10.05 -37.90
C LEU B 434 9.33 9.30 -37.43
N GLY B 435 8.29 9.28 -38.26
CA GLY B 435 7.08 8.57 -37.88
C GLY B 435 7.29 7.07 -37.76
N PHE B 436 8.14 6.51 -38.62
CA PHE B 436 8.45 5.09 -38.53
C PHE B 436 9.17 4.76 -37.23
N ALA B 437 10.11 5.62 -36.82
CA ALA B 437 10.88 5.35 -35.61
C ALA B 437 10.00 5.36 -34.37
N ASN B 438 9.09 6.33 -34.27
CA ASN B 438 8.21 6.39 -33.11
C ASN B 438 7.18 5.26 -33.14
N SER B 439 6.65 4.93 -34.31
CA SER B 439 5.73 3.82 -34.42
C SER B 439 6.40 2.51 -34.04
N TYR B 440 7.64 2.31 -34.47
CA TYR B 440 8.39 1.12 -34.07
C TYR B 440 8.65 1.12 -32.58
N GLY B 441 9.00 2.29 -32.01
CA GLY B 441 9.24 2.36 -30.58
C GLY B 441 7.97 2.13 -29.76
N THR B 442 6.85 2.67 -30.24
CA THR B 442 5.58 2.44 -29.56
C THR B 442 5.18 0.97 -29.59
N GLY B 443 5.66 0.23 -30.59
CA GLY B 443 5.36 -1.18 -30.68
C GLY B 443 6.22 -2.06 -29.81
N LEU B 444 7.15 -1.49 -29.05
CA LEU B 444 7.98 -2.23 -28.12
C LEU B 444 7.66 -1.90 -26.68
N THR B 445 7.69 -0.62 -26.33
CA THR B 445 7.53 -0.18 -24.95
C THR B 445 6.20 0.51 -24.68
N ASP B 446 5.32 0.62 -25.68
CA ASP B 446 4.01 1.25 -25.53
C ASP B 446 4.12 2.73 -25.14
N ILE B 447 5.24 3.37 -25.44
CA ILE B 447 5.48 4.76 -25.07
C ILE B 447 5.55 5.58 -26.35
N ASN B 448 4.69 6.58 -26.48
CA ASN B 448 4.68 7.47 -27.62
C ASN B 448 5.60 8.66 -27.33
N MET B 449 6.70 8.74 -28.06
CA MET B 449 7.69 9.81 -27.87
C MET B 449 7.61 10.88 -28.95
N GLY B 450 6.41 11.14 -29.48
CA GLY B 450 6.27 12.18 -30.48
C GLY B 450 6.41 13.58 -29.93
N TYR B 451 6.18 13.76 -28.62
CA TYR B 451 6.42 15.06 -28.00
C TYR B 451 7.89 15.42 -28.02
N ASN B 452 8.77 14.44 -27.81
CA ASN B 452 10.20 14.69 -27.87
C ASN B 452 10.64 15.11 -29.27
N TYR B 453 10.10 14.45 -30.30
CA TYR B 453 10.47 14.79 -31.67
C TYR B 453 10.02 16.20 -32.01
N GLY B 454 8.82 16.58 -31.59
CA GLY B 454 8.36 17.94 -31.85
C GLY B 454 9.23 18.99 -31.19
N LYS B 455 9.66 18.74 -29.95
CA LYS B 455 10.57 19.66 -29.28
C LYS B 455 11.93 19.71 -29.97
N ILE B 456 12.45 18.57 -30.44
CA ILE B 456 13.71 18.58 -31.18
C ILE B 456 13.52 19.25 -32.53
N ALA B 457 12.44 18.92 -33.24
CA ALA B 457 12.17 19.57 -34.53
C ALA B 457 11.96 21.06 -34.35
N LEU B 458 11.31 21.47 -33.26
CA LEU B 458 11.16 22.89 -32.97
C LEU B 458 12.52 23.56 -32.78
N PHE B 459 13.44 22.88 -32.10
CA PHE B 459 14.75 23.48 -31.83
C PHE B 459 15.57 23.65 -33.09
N VAL B 460 15.62 22.62 -33.93
CA VAL B 460 16.47 22.68 -35.13
C VAL B 460 15.90 23.66 -36.15
N PHE B 461 14.58 23.65 -36.33
CA PHE B 461 13.96 24.56 -37.29
C PHE B 461 14.04 26.01 -36.83
N ALA B 462 13.97 26.26 -35.52
CA ALA B 462 14.18 27.61 -35.02
C ALA B 462 15.60 28.08 -35.28
N GLY B 463 16.58 27.19 -35.19
CA GLY B 463 17.95 27.53 -35.52
C GLY B 463 18.23 27.66 -36.99
N TRP B 464 17.34 27.17 -37.84
CA TRP B 464 17.47 27.32 -39.29
C TRP B 464 17.11 28.72 -39.75
N ALA B 465 16.54 29.55 -38.88
CA ALA B 465 16.21 30.93 -39.20
C ALA B 465 16.80 31.82 -38.12
N GLY B 466 17.15 33.05 -38.53
CA GLY B 466 17.77 34.00 -37.62
C GLY B 466 16.79 34.54 -36.60
N LYS B 467 17.15 35.71 -36.05
CA LYS B 467 16.26 36.38 -35.09
C LYS B 467 14.94 36.74 -35.75
N GLU B 468 14.98 37.24 -36.98
CA GLU B 468 13.75 37.47 -37.73
C GLU B 468 13.13 36.16 -38.15
N ASN B 469 11.79 36.11 -38.10
CA ASN B 469 10.97 34.97 -38.50
C ASN B 469 11.53 33.64 -38.02
N GLY B 470 12.01 33.59 -36.78
CA GLY B 470 12.58 32.38 -36.23
C GLY B 470 11.67 31.65 -35.25
N VAL B 471 11.01 32.41 -34.38
CA VAL B 471 10.14 31.80 -33.38
C VAL B 471 8.93 31.15 -34.04
N ILE B 472 8.29 31.86 -34.97
CA ILE B 472 7.15 31.28 -35.67
C ILE B 472 7.59 30.10 -36.53
N ALA B 473 8.76 30.21 -37.16
CA ALA B 473 9.25 29.12 -38.00
C ALA B 473 9.45 27.85 -37.20
N GLY B 474 10.03 27.97 -36.00
CA GLY B 474 10.19 26.80 -35.15
C GLY B 474 8.87 26.23 -34.66
N LEU B 475 7.95 27.11 -34.24
CA LEU B 475 6.68 26.64 -33.70
C LEU B 475 5.83 25.96 -34.77
N VAL B 476 5.71 26.58 -35.94
CA VAL B 476 4.88 26.01 -37.00
C VAL B 476 5.50 24.71 -37.51
N ALA B 477 6.80 24.71 -37.78
CA ALA B 477 7.47 23.49 -38.26
C ALA B 477 7.46 22.41 -37.20
N GLY B 478 7.48 22.77 -35.91
CA GLY B 478 7.36 21.78 -34.86
C GLY B 478 6.00 21.10 -34.85
N THR B 479 4.94 21.85 -35.16
CA THR B 479 3.60 21.27 -35.16
C THR B 479 3.45 20.19 -36.22
N LEU B 480 4.01 20.42 -37.42
CA LEU B 480 3.92 19.43 -38.48
C LEU B 480 4.59 18.13 -38.08
N VAL B 481 5.79 18.22 -37.51
CA VAL B 481 6.52 17.03 -37.09
C VAL B 481 5.83 16.38 -35.89
N LYS B 482 5.44 17.21 -34.92
CA LYS B 482 4.82 16.66 -33.71
C LYS B 482 3.51 15.94 -34.03
N GLN B 483 2.66 16.55 -34.87
CA GLN B 483 1.36 15.96 -35.16
C GLN B 483 1.50 14.69 -35.98
N LEU B 484 2.30 14.73 -37.04
CA LEU B 484 2.42 13.57 -37.92
C LEU B 484 3.00 12.38 -37.18
N VAL B 485 4.00 12.62 -36.33
CA VAL B 485 4.61 11.54 -35.56
C VAL B 485 3.64 11.02 -34.50
N LEU B 486 2.96 11.91 -33.78
CA LEU B 486 2.00 11.48 -32.78
C LEU B 486 0.83 10.73 -33.41
N ILE B 487 0.33 11.21 -34.54
CA ILE B 487 -0.77 10.54 -35.22
C ILE B 487 -0.36 9.13 -35.64
N SER B 488 0.87 8.99 -36.14
CA SER B 488 1.34 7.68 -36.60
C SER B 488 1.34 6.66 -35.46
N ALA B 489 1.98 7.01 -34.34
CA ALA B 489 2.09 6.06 -33.24
C ALA B 489 0.73 5.77 -32.60
N ASP B 490 -0.11 6.80 -32.44
CA ASP B 490 -1.41 6.61 -31.80
C ASP B 490 -2.30 5.69 -32.63
N LEU B 491 -2.30 5.85 -33.96
CA LEU B 491 -3.18 5.06 -34.81
C LEU B 491 -2.59 3.71 -35.18
N MET B 492 -1.28 3.51 -35.02
CA MET B 492 -0.72 2.18 -35.24
C MET B 492 -1.23 1.19 -34.19
N GLN B 493 -1.35 1.63 -32.94
CA GLN B 493 -1.97 0.79 -31.92
C GLN B 493 -3.42 0.50 -32.28
N ASP B 494 -4.11 1.48 -32.86
CA ASP B 494 -5.48 1.26 -33.31
C ASP B 494 -5.54 0.23 -34.44
N PHE B 495 -4.53 0.23 -35.31
CA PHE B 495 -4.46 -0.79 -36.35
C PHE B 495 -4.16 -2.16 -35.75
N LYS B 496 -3.39 -2.20 -34.66
CA LYS B 496 -3.12 -3.46 -33.98
C LYS B 496 -4.41 -4.05 -33.42
N THR B 497 -5.30 -3.20 -32.93
CA THR B 497 -6.61 -3.67 -32.46
C THR B 497 -7.40 -4.31 -33.59
N SER B 498 -7.37 -3.69 -34.77
CA SER B 498 -8.10 -4.25 -35.91
C SER B 498 -7.55 -5.61 -36.32
N TYR B 499 -6.23 -5.78 -36.24
CA TYR B 499 -5.63 -7.05 -36.65
C TYR B 499 -6.12 -8.20 -35.78
N LEU B 500 -6.21 -7.97 -34.47
CA LEU B 500 -6.64 -9.04 -33.57
C LEU B 500 -8.15 -9.24 -33.59
N THR B 501 -8.91 -8.23 -34.03
CA THR B 501 -10.36 -8.32 -34.07
C THR B 501 -10.89 -8.69 -35.46
N GLN B 502 -10.01 -9.06 -36.39
CA GLN B 502 -10.39 -9.42 -37.75
C GLN B 502 -11.20 -8.31 -38.42
N THR B 503 -10.74 -7.08 -38.25
CA THR B 503 -11.36 -5.92 -38.87
C THR B 503 -10.70 -5.64 -40.22
N SER B 504 -11.53 -5.27 -41.20
CA SER B 504 -11.02 -5.04 -42.54
C SER B 504 -10.14 -3.80 -42.57
N PRO B 505 -8.89 -3.92 -43.04
CA PRO B 505 -8.01 -2.73 -43.05
C PRO B 505 -8.54 -1.58 -43.90
N LYS B 506 -9.23 -1.89 -45.00
CA LYS B 506 -9.75 -0.81 -45.85
C LYS B 506 -10.87 -0.05 -45.16
N SER B 507 -11.69 -0.74 -44.35
CA SER B 507 -12.71 -0.05 -43.57
C SER B 507 -12.09 0.77 -42.44
N MET B 508 -10.97 0.28 -41.89
CA MET B 508 -10.24 1.05 -40.88
C MET B 508 -9.71 2.34 -41.46
N MET B 509 -9.22 2.30 -42.70
CA MET B 509 -8.71 3.51 -43.34
C MET B 509 -9.80 4.56 -43.49
N ILE B 510 -11.01 4.14 -43.87
CA ILE B 510 -12.11 5.08 -44.06
C ILE B 510 -12.49 5.73 -42.73
N ALA B 511 -12.51 4.94 -41.66
CA ALA B 511 -12.89 5.48 -40.35
C ALA B 511 -11.91 6.54 -39.89
N GLN B 512 -10.61 6.32 -40.09
CA GLN B 512 -9.62 7.31 -39.69
C GLN B 512 -9.76 8.59 -40.49
N VAL B 513 -10.02 8.48 -41.79
CA VAL B 513 -10.16 9.67 -42.63
C VAL B 513 -11.38 10.49 -42.19
N VAL B 514 -12.50 9.80 -41.95
CA VAL B 514 -13.70 10.49 -41.48
C VAL B 514 -13.48 11.10 -40.12
N GLY B 515 -12.87 10.34 -39.20
CA GLY B 515 -12.61 10.86 -37.87
C GLY B 515 -11.65 12.03 -37.87
N THR B 516 -10.57 11.93 -38.67
CA THR B 516 -9.62 13.03 -38.76
C THR B 516 -10.27 14.27 -39.36
N ALA B 517 -11.11 14.09 -40.38
CA ALA B 517 -11.77 15.23 -41.01
C ALA B 517 -12.68 15.96 -40.02
N MET B 518 -13.42 15.19 -39.22
CA MET B 518 -14.26 15.81 -38.19
C MET B 518 -13.41 16.45 -37.10
N GLY B 519 -12.26 15.83 -36.78
CA GLY B 519 -11.39 16.40 -35.79
C GLY B 519 -10.85 17.76 -36.19
N CYS B 520 -10.57 17.94 -37.49
CA CYS B 520 -10.07 19.22 -37.99
C CYS B 520 -11.15 20.30 -37.99
N ILE B 521 -12.40 19.94 -37.74
CA ILE B 521 -13.50 20.90 -37.70
C ILE B 521 -14.00 21.10 -36.27
N VAL B 522 -14.19 20.01 -35.53
CA VAL B 522 -14.69 20.13 -34.16
C VAL B 522 -13.67 20.82 -33.26
N SER B 523 -12.40 20.42 -33.35
CA SER B 523 -11.39 20.98 -32.46
C SER B 523 -11.20 22.48 -32.62
N PRO B 524 -11.04 23.03 -33.83
CA PRO B 524 -10.96 24.50 -33.93
C PRO B 524 -12.19 25.21 -33.42
N LEU B 525 -13.39 24.63 -33.63
CA LEU B 525 -14.59 25.22 -33.09
C LEU B 525 -14.63 25.12 -31.57
N THR B 526 -14.26 23.95 -31.04
CA THR B 526 -14.23 23.79 -29.58
C THR B 526 -13.21 24.72 -28.94
N PHE B 527 -12.03 24.83 -29.54
CA PHE B 527 -11.00 25.70 -28.99
C PHE B 527 -11.44 27.16 -28.99
N MET B 528 -12.07 27.62 -30.07
CA MET B 528 -12.50 29.01 -30.15
C MET B 528 -13.64 29.30 -29.18
N LEU B 529 -14.49 28.31 -28.92
CA LEU B 529 -15.54 28.50 -27.92
C LEU B 529 -14.96 28.79 -26.55
N PHE B 530 -13.93 28.02 -26.16
CA PHE B 530 -13.23 28.33 -24.91
C PHE B 530 -12.47 29.64 -25.01
N TYR B 531 -11.82 29.89 -26.14
CA TYR B 531 -10.98 31.07 -26.28
C TYR B 531 -11.80 32.35 -26.20
N LYS B 532 -12.96 32.37 -26.87
CA LYS B 532 -13.80 33.56 -26.85
C LYS B 532 -14.45 33.76 -25.48
N ALA B 533 -14.91 32.68 -24.86
CA ALA B 533 -15.68 32.81 -23.63
C ALA B 533 -14.79 33.19 -22.44
N PHE B 534 -13.58 32.64 -22.38
CA PHE B 534 -12.73 32.84 -21.21
C PHE B 534 -11.42 33.54 -21.57
N ASP B 535 -10.56 33.73 -20.57
CA ASP B 535 -9.25 34.33 -20.78
C ASP B 535 -8.22 33.21 -20.64
N ILE B 536 -7.56 32.87 -21.75
CA ILE B 536 -6.66 31.73 -21.82
C ILE B 536 -5.23 32.27 -21.91
N GLY B 537 -4.36 31.73 -21.06
CA GLY B 537 -2.97 32.15 -21.03
C GLY B 537 -2.57 33.03 -19.87
N ASN B 538 -3.50 33.32 -18.96
CA ASN B 538 -3.16 34.14 -17.79
C ASN B 538 -2.43 33.29 -16.77
N PRO B 539 -1.20 33.64 -16.39
CA PRO B 539 -0.48 32.82 -15.39
C PRO B 539 -1.13 32.82 -14.02
N ASP B 540 -2.01 33.77 -13.72
CA ASP B 540 -2.66 33.84 -12.42
C ASP B 540 -4.16 33.68 -12.57
N GLY B 541 -4.60 32.72 -13.38
CA GLY B 541 -6.01 32.47 -13.58
C GLY B 541 -6.26 30.99 -13.72
N THR B 542 -7.56 30.64 -13.70
CA THR B 542 -7.95 29.23 -13.83
C THR B 542 -7.53 28.66 -15.17
N TRP B 543 -7.73 29.43 -16.26
CA TRP B 543 -7.35 28.99 -17.60
C TRP B 543 -5.91 29.39 -17.88
N LYS B 544 -4.99 28.66 -17.25
CA LYS B 544 -3.57 28.88 -17.43
C LYS B 544 -3.00 27.73 -18.26
N ALA B 545 -2.21 28.07 -19.27
CA ALA B 545 -1.58 27.04 -20.09
C ALA B 545 -0.06 27.13 -19.94
N PRO B 546 0.53 26.36 -19.01
CA PRO B 546 1.98 26.47 -18.80
C PRO B 546 2.80 26.07 -20.02
N TYR B 547 2.34 25.10 -20.80
CA TYR B 547 3.11 24.63 -21.93
C TYR B 547 3.09 25.57 -23.12
N ALA B 548 2.12 26.49 -23.18
CA ALA B 548 2.12 27.49 -24.25
C ALA B 548 3.33 28.40 -24.14
N LEU B 549 3.67 28.82 -22.92
CA LEU B 549 4.85 29.65 -22.72
C LEU B 549 6.14 28.83 -22.77
N ILE B 550 6.10 27.59 -22.29
CA ILE B 550 7.29 26.75 -22.31
C ILE B 550 7.73 26.48 -23.75
N TYR B 551 6.77 26.12 -24.62
CA TYR B 551 7.09 25.94 -26.03
C TYR B 551 7.54 27.24 -26.68
N ARG B 552 6.98 28.37 -26.23
CA ARG B 552 7.43 29.66 -26.74
C ARG B 552 8.88 29.93 -26.38
N ASN B 553 9.28 29.60 -25.15
CA ASN B 553 10.66 29.80 -24.73
C ASN B 553 11.61 28.85 -25.44
N MET B 554 11.15 27.66 -25.81
CA MET B 554 11.99 26.75 -26.57
C MET B 554 12.34 27.34 -27.93
N ALA B 555 11.37 27.98 -28.58
CA ALA B 555 11.65 28.62 -29.86
C ALA B 555 12.61 29.79 -29.70
N ILE B 556 12.42 30.59 -28.64
CA ILE B 556 13.32 31.73 -28.41
C ILE B 556 14.73 31.25 -28.15
N LEU B 557 14.88 30.23 -27.30
CA LEU B 557 16.19 29.64 -27.07
C LEU B 557 16.72 28.94 -28.32
N GLY B 558 15.81 28.41 -29.14
CA GLY B 558 16.21 27.76 -30.37
C GLY B 558 16.58 28.69 -31.50
N VAL B 559 16.32 29.99 -31.35
CA VAL B 559 16.73 30.96 -32.37
C VAL B 559 18.24 30.94 -32.54
N GLU B 560 18.96 30.97 -31.42
CA GLU B 560 20.40 30.78 -31.46
C GLU B 560 20.73 29.35 -31.85
N GLY B 561 21.86 29.17 -32.54
CA GLY B 561 22.22 27.88 -33.08
C GLY B 561 22.59 26.83 -32.06
N PHE B 562 23.31 25.79 -32.50
CA PHE B 562 23.71 24.71 -31.61
C PHE B 562 24.75 25.12 -30.59
N SER B 563 25.18 26.39 -30.58
CA SER B 563 26.14 26.84 -29.59
C SER B 563 25.56 26.83 -28.17
N VAL B 564 24.24 27.02 -28.06
CA VAL B 564 23.60 27.06 -26.75
C VAL B 564 23.56 25.70 -26.06
N LEU B 565 23.77 24.61 -26.80
CA LEU B 565 23.78 23.30 -26.19
C LEU B 565 24.98 23.17 -25.25
N PRO B 566 24.87 22.37 -24.19
CA PRO B 566 25.98 22.22 -23.24
C PRO B 566 27.20 21.61 -23.91
N LYS B 567 28.32 21.69 -23.20
CA LYS B 567 29.58 21.17 -23.72
C LYS B 567 29.50 19.66 -23.89
N TYR B 568 30.06 19.17 -25.00
CA TYR B 568 30.14 17.75 -25.33
C TYR B 568 28.77 17.11 -25.53
N CYS B 569 27.71 17.91 -25.69
CA CYS B 569 26.40 17.33 -25.93
C CYS B 569 26.33 16.63 -27.28
N ILE B 570 26.89 17.25 -28.31
CA ILE B 570 26.86 16.64 -29.65
C ILE B 570 27.79 15.43 -29.70
N VAL B 571 28.95 15.52 -29.04
CA VAL B 571 29.93 14.44 -29.11
C VAL B 571 29.37 13.18 -28.47
N ILE B 572 28.76 13.31 -27.29
CA ILE B 572 28.19 12.15 -26.61
C ILE B 572 27.00 11.61 -27.38
N SER B 573 26.17 12.49 -27.94
CA SER B 573 25.06 12.04 -28.77
C SER B 573 25.56 11.31 -30.02
N GLY B 574 26.62 11.83 -30.63
CA GLY B 574 27.21 11.13 -31.76
C GLY B 574 27.80 9.79 -31.37
N GLY B 575 28.37 9.70 -30.18
CA GLY B 575 28.86 8.42 -29.69
C GLY B 575 27.76 7.41 -29.48
N PHE B 576 26.63 7.85 -28.91
CA PHE B 576 25.51 6.95 -28.70
C PHE B 576 24.81 6.62 -30.03
N PHE B 577 24.91 7.51 -31.01
CA PHE B 577 24.42 7.19 -32.34
C PHE B 577 25.19 6.01 -32.93
N ALA B 578 26.52 6.03 -32.78
CA ALA B 578 27.32 4.88 -33.21
C ALA B 578 27.01 3.65 -32.38
N PHE B 579 26.86 3.82 -31.06
CA PHE B 579 26.55 2.70 -30.18
C PHE B 579 25.22 2.07 -30.55
N ALA B 580 24.22 2.90 -30.84
CA ALA B 580 22.93 2.38 -31.30
C ALA B 580 23.07 1.67 -32.63
N ALA B 581 23.86 2.24 -33.54
CA ALA B 581 24.05 1.63 -34.85
C ALA B 581 24.76 0.28 -34.73
N ILE B 582 25.77 0.20 -33.88
CA ILE B 582 26.52 -1.05 -33.73
C ILE B 582 25.63 -2.15 -33.17
N LEU B 583 24.80 -1.82 -32.17
CA LEU B 583 23.91 -2.83 -31.58
C LEU B 583 22.90 -3.33 -32.60
N SER B 584 22.35 -2.43 -33.43
CA SER B 584 21.40 -2.85 -34.45
C SER B 584 22.05 -3.79 -35.46
N ILE B 585 23.28 -3.47 -35.89
CA ILE B 585 23.99 -4.35 -36.81
C ILE B 585 24.35 -5.66 -36.12
N THR B 586 24.78 -5.60 -34.86
CA THR B 586 25.21 -6.80 -34.15
C THR B 586 24.08 -7.82 -34.00
N ARG B 587 22.84 -7.37 -33.85
CA ARG B 587 21.73 -8.29 -33.67
C ARG B 587 21.36 -9.04 -34.94
N ASP B 588 21.55 -8.43 -36.11
CA ASP B 588 21.16 -9.06 -37.36
C ASP B 588 22.30 -9.81 -38.05
N VAL B 589 23.53 -9.70 -37.54
CA VAL B 589 24.67 -10.36 -38.17
C VAL B 589 25.01 -11.63 -37.40
N MET B 590 24.77 -11.62 -36.08
CA MET B 590 25.05 -12.79 -35.27
C MET B 590 23.97 -13.84 -35.44
N PRO B 591 24.29 -15.11 -35.18
CA PRO B 591 23.28 -16.17 -35.31
C PRO B 591 22.13 -15.96 -34.35
N HIS B 592 21.01 -16.62 -34.66
CA HIS B 592 19.79 -16.44 -33.88
C HIS B 592 19.97 -16.91 -32.44
N LYS B 593 20.91 -17.81 -32.19
CA LYS B 593 21.17 -18.25 -30.83
C LYS B 593 21.68 -17.10 -29.96
N TYR B 594 22.59 -16.29 -30.50
CA TYR B 594 23.18 -15.18 -29.77
C TYR B 594 22.49 -13.86 -30.04
N ALA B 595 21.47 -13.83 -30.89
CA ALA B 595 20.73 -12.62 -31.19
C ALA B 595 19.55 -12.40 -30.26
N LYS B 596 19.30 -13.34 -29.35
CA LYS B 596 18.21 -13.22 -28.37
C LYS B 596 18.63 -12.45 -27.12
N TYR B 597 19.91 -12.06 -27.01
CA TYR B 597 20.42 -11.40 -25.82
C TYR B 597 20.99 -10.02 -26.10
N VAL B 598 20.96 -9.55 -27.34
CA VAL B 598 21.46 -8.23 -27.67
C VAL B 598 20.40 -7.20 -27.28
N PRO B 599 20.75 -6.22 -26.45
CA PRO B 599 19.75 -5.21 -26.06
C PRO B 599 19.32 -4.35 -27.23
N LEU B 600 18.07 -3.89 -27.17
CA LEU B 600 17.50 -3.06 -28.22
C LEU B 600 17.84 -1.60 -27.96
N PRO B 601 18.53 -0.92 -28.87
CA PRO B 601 18.96 0.46 -28.59
C PRO B 601 17.83 1.42 -28.28
N MET B 602 16.67 1.28 -28.93
CA MET B 602 15.58 2.21 -28.74
C MET B 602 14.65 1.82 -27.59
N ALA B 603 14.70 0.57 -27.12
CA ALA B 603 14.05 0.25 -25.86
C ALA B 603 14.80 0.85 -24.69
N MET B 604 16.12 0.96 -24.80
CA MET B 604 16.92 1.64 -23.78
C MET B 604 16.72 3.14 -23.80
N ALA B 605 16.25 3.69 -24.92
CA ALA B 605 16.13 5.13 -25.05
C ALA B 605 14.94 5.68 -24.27
N VAL B 606 13.92 4.86 -24.01
CA VAL B 606 12.73 5.35 -23.30
C VAL B 606 13.05 5.86 -21.91
N PRO B 607 13.81 5.15 -21.06
CA PRO B 607 14.09 5.67 -19.72
C PRO B 607 15.06 6.84 -19.69
N PHE B 608 15.47 7.38 -20.84
CA PHE B 608 16.33 8.56 -20.82
C PHE B 608 15.56 9.83 -20.47
N LEU B 609 14.32 9.95 -20.94
CA LEU B 609 13.47 11.08 -20.61
C LEU B 609 12.58 10.80 -19.39
N VAL B 610 11.83 9.71 -19.43
CA VAL B 610 11.10 9.27 -18.24
C VAL B 610 12.08 8.62 -17.26
N GLY B 611 11.61 8.40 -16.05
CA GLY B 611 12.46 7.83 -15.02
C GLY B 611 12.65 6.33 -15.21
N GLY B 612 13.46 5.77 -14.32
CA GLY B 612 13.65 4.33 -14.27
C GLY B 612 12.57 3.57 -13.54
N SER B 613 11.58 4.27 -12.99
CA SER B 613 10.44 3.60 -12.38
C SER B 613 9.65 2.82 -13.42
N PHE B 614 9.53 3.37 -14.64
CA PHE B 614 8.88 2.66 -15.73
C PHE B 614 9.62 1.37 -16.06
N ALA B 615 10.95 1.42 -16.06
CA ALA B 615 11.74 0.23 -16.36
C ALA B 615 11.53 -0.86 -15.32
N ILE B 616 11.47 -0.48 -14.04
CA ILE B 616 11.29 -1.44 -12.97
C ILE B 616 9.92 -2.11 -13.08
N ASP B 617 8.89 -1.33 -13.39
CA ASP B 617 7.55 -1.89 -13.55
C ASP B 617 7.51 -2.90 -14.69
N MET B 618 8.16 -2.59 -15.81
CA MET B 618 8.19 -3.52 -16.94
C MET B 618 8.92 -4.80 -16.56
N CYS B 619 10.03 -4.68 -15.83
CA CYS B 619 10.76 -5.87 -15.39
C CYS B 619 9.96 -6.69 -14.40
N LEU B 620 9.15 -6.04 -13.56
CA LEU B 620 8.27 -6.78 -12.67
C LEU B 620 7.26 -7.60 -13.46
N GLY B 621 6.72 -7.03 -14.53
CA GLY B 621 5.79 -7.78 -15.36
C GLY B 621 6.42 -8.99 -16.00
N SER B 622 7.66 -8.85 -16.47
CA SER B 622 8.38 -10.00 -17.00
C SER B 622 8.67 -11.03 -15.91
N LEU B 623 9.01 -10.56 -14.69
CA LEU B 623 9.25 -11.47 -13.59
C LEU B 623 8.00 -12.25 -13.23
N ILE B 624 6.83 -11.60 -13.27
CA ILE B 624 5.57 -12.29 -13.01
C ILE B 624 5.33 -13.37 -14.07
N VAL B 625 5.53 -13.03 -15.34
CA VAL B 625 5.35 -14.00 -16.41
C VAL B 625 6.37 -15.13 -16.29
N PHE B 626 7.62 -14.80 -16.00
CA PHE B 626 8.65 -15.82 -15.84
C PHE B 626 8.30 -16.76 -14.69
N ALA B 627 7.85 -16.21 -13.56
CA ALA B 627 7.44 -17.05 -12.45
C ALA B 627 6.19 -17.86 -12.79
N TRP B 628 5.21 -17.23 -13.44
CA TRP B 628 3.99 -17.94 -13.79
C TRP B 628 4.25 -19.06 -14.78
N THR B 629 5.11 -18.82 -15.77
CA THR B 629 5.40 -19.83 -16.78
C THR B 629 6.05 -21.06 -16.15
N LYS B 630 7.01 -20.86 -15.24
CA LYS B 630 7.65 -21.98 -14.57
C LYS B 630 6.66 -22.75 -13.71
N ILE B 631 5.79 -22.03 -12.98
CA ILE B 631 4.83 -22.69 -12.09
C ILE B 631 3.82 -23.49 -12.91
N ASN B 632 3.27 -22.88 -13.95
CA ASN B 632 2.25 -23.53 -14.78
C ASN B 632 2.47 -23.08 -16.23
N LYS B 633 3.12 -23.95 -17.01
CA LYS B 633 3.40 -23.62 -18.40
C LYS B 633 2.12 -23.51 -19.22
N LYS B 634 1.18 -24.42 -19.01
CA LYS B 634 -0.03 -24.44 -19.84
C LYS B 634 -0.92 -23.23 -19.54
N GLU B 635 -1.18 -22.96 -18.27
CA GLU B 635 -2.11 -21.88 -17.92
C GLU B 635 -1.56 -20.52 -18.32
N ALA B 636 -0.26 -20.30 -18.14
CA ALA B 636 0.34 -19.02 -18.48
C ALA B 636 0.31 -18.75 -19.98
N GLY B 637 0.07 -19.76 -20.80
CA GLY B 637 0.07 -19.55 -22.23
C GLY B 637 -1.07 -18.66 -22.69
N PHE B 638 -2.26 -18.85 -22.14
CA PHE B 638 -3.44 -18.14 -22.59
C PHE B 638 -4.03 -17.19 -21.56
N MET B 639 -3.59 -17.25 -20.30
CA MET B 639 -4.12 -16.37 -19.27
C MET B 639 -3.32 -15.10 -19.10
N VAL B 640 -2.03 -15.10 -19.45
CA VAL B 640 -1.22 -13.89 -19.31
C VAL B 640 -1.76 -12.73 -20.15
N PRO B 641 -2.10 -12.90 -21.43
CA PRO B 641 -2.69 -11.77 -22.18
C PRO B 641 -3.99 -11.25 -21.57
N ALA B 642 -4.81 -12.15 -21.01
CA ALA B 642 -6.08 -11.69 -20.42
C ALA B 642 -5.84 -10.93 -19.12
N VAL B 643 -4.95 -11.43 -18.26
CA VAL B 643 -4.65 -10.74 -17.01
C VAL B 643 -3.94 -9.42 -17.29
N ALA B 644 -2.99 -9.43 -18.22
CA ALA B 644 -2.26 -8.20 -18.54
C ALA B 644 -3.18 -7.14 -19.12
N SER B 645 -4.11 -7.54 -19.98
CA SER B 645 -5.05 -6.58 -20.56
C SER B 645 -5.96 -5.98 -19.49
N ALA B 646 -6.39 -6.80 -18.53
CA ALA B 646 -7.28 -6.32 -17.48
C ALA B 646 -6.60 -5.24 -16.63
N LEU B 647 -5.32 -5.43 -16.31
CA LEU B 647 -4.59 -4.42 -15.55
C LEU B 647 -4.47 -3.13 -16.34
N ILE B 648 -4.20 -3.22 -17.64
CA ILE B 648 -4.10 -2.02 -18.48
C ILE B 648 -5.45 -1.36 -18.65
N CYS B 649 -6.49 -2.16 -18.95
CA CYS B 649 -7.81 -1.60 -19.17
C CYS B 649 -8.39 -0.98 -17.91
N GLY B 650 -8.20 -1.64 -16.76
CA GLY B 650 -8.76 -1.12 -15.52
C GLY B 650 -8.20 0.25 -15.16
N ASP B 651 -6.89 0.41 -15.28
CA ASP B 651 -6.29 1.73 -15.08
C ASP B 651 -6.70 2.69 -16.19
N GLY B 652 -6.83 2.19 -17.41
CA GLY B 652 -7.22 3.04 -18.52
C GLY B 652 -8.65 3.55 -18.40
N ILE B 653 -9.56 2.71 -17.91
CA ILE B 653 -10.95 3.12 -17.76
C ILE B 653 -11.07 4.23 -16.73
N TRP B 654 -10.34 4.12 -15.61
CA TRP B 654 -10.41 5.14 -14.56
C TRP B 654 -9.93 6.50 -15.04
N THR B 655 -9.16 6.55 -16.14
CA THR B 655 -8.71 7.83 -16.65
C THR B 655 -9.86 8.74 -17.04
N PHE B 656 -11.02 8.16 -17.38
CA PHE B 656 -12.17 8.99 -17.74
C PHE B 656 -12.82 9.61 -16.51
N PRO B 657 -13.21 8.88 -15.46
CA PRO B 657 -13.71 9.56 -14.26
C PRO B 657 -12.71 10.49 -13.63
N ALA B 658 -11.42 10.16 -13.67
CA ALA B 658 -10.41 11.06 -13.13
C ALA B 658 -10.37 12.38 -13.89
N SER B 659 -10.54 12.31 -15.22
CA SER B 659 -10.61 13.53 -16.01
C SER B 659 -11.84 14.36 -15.67
N ILE B 660 -12.97 13.70 -15.47
CA ILE B 660 -14.20 14.41 -15.11
C ILE B 660 -14.05 15.09 -13.76
N LEU B 661 -13.44 14.40 -12.79
CA LEU B 661 -13.16 15.02 -11.50
C LEU B 661 -12.23 16.21 -11.65
N ALA B 662 -11.20 16.08 -12.48
CA ALA B 662 -10.35 17.22 -12.79
C ALA B 662 -11.10 18.27 -13.59
N LEU B 663 -12.05 17.86 -14.42
CA LEU B 663 -12.86 18.80 -15.19
C LEU B 663 -13.70 19.67 -14.25
N ALA B 664 -14.29 19.06 -13.23
CA ALA B 664 -15.18 19.75 -12.30
C ALA B 664 -14.44 20.38 -11.14
N LYS B 665 -13.14 20.60 -11.25
CA LYS B 665 -12.28 21.23 -10.25
C LYS B 665 -12.21 20.43 -8.96
N ILE B 666 -12.58 19.16 -8.96
CA ILE B 666 -12.49 18.32 -7.77
C ILE B 666 -11.07 17.76 -7.70
N LYS B 667 -10.39 18.01 -6.59
CA LYS B 667 -9.00 17.63 -6.39
C LYS B 667 -8.87 16.62 -5.27
N PRO B 668 -7.81 15.80 -5.29
CA PRO B 668 -7.65 14.76 -4.26
C PRO B 668 -7.57 15.35 -2.87
N PRO B 669 -8.21 14.71 -1.89
CA PRO B 669 -8.24 15.30 -0.53
C PRO B 669 -6.93 15.20 0.21
N ILE B 670 -6.24 14.06 0.12
CA ILE B 670 -5.10 13.75 0.98
C ILE B 670 -3.85 13.68 0.11
N CYS B 671 -2.70 13.89 0.77
CA CYS B 671 -1.39 13.86 0.12
C CYS B 671 -0.46 13.00 0.94
N MET B 672 -0.10 11.83 0.41
CA MET B 672 0.73 10.85 1.12
C MET B 672 2.19 11.19 0.88
N LYS B 673 2.78 11.99 1.76
CA LYS B 673 4.14 12.45 1.62
C LYS B 673 5.10 11.52 2.38
N PHE B 674 6.31 11.39 1.83
CA PHE B 674 7.36 10.58 2.43
C PHE B 674 8.50 11.50 2.85
N LEU B 675 8.92 11.37 4.11
CA LEU B 675 9.95 12.22 4.68
C LEU B 675 11.05 11.37 5.31
N PRO B 676 12.29 11.87 5.35
CA PRO B 676 13.42 11.12 5.88
C PRO B 676 13.52 11.13 7.41
N ALA B 677 12.41 10.74 8.07
CA ALA B 677 12.35 10.67 9.53
C ALA B 677 12.75 11.98 10.18
N ALA B 678 12.27 13.09 9.62
CA ALA B 678 12.57 14.41 10.14
C ALA B 678 11.91 14.64 11.50
CAA Y01 C . -15.04 -3.85 6.98
CBA Y01 C . -16.16 -3.10 7.67
CAB Y01 C . -17.37 -2.94 6.74
CAN Y01 C . -15.74 -1.73 8.25
CAJ Y01 C . -16.12 -0.48 7.45
CAO Y01 C . -16.58 0.66 8.37
CBB Y01 C . -16.70 2.02 7.63
CAC Y01 C . -17.20 1.81 6.21
CBE Y01 C . -17.58 2.98 8.47
CAP Y01 C . -18.36 2.18 9.58
CAQ Y01 C . -18.40 3.07 10.84
CBG Y01 C . -18.12 4.44 10.23
CBI Y01 C . -16.96 4.15 9.28
CAE Y01 C . -15.69 3.75 10.00
CAU Y01 C . -16.76 5.44 8.47
CAS Y01 C . -16.56 6.69 9.35
CBF Y01 C . -17.63 6.91 10.44
CBD Y01 C . -17.85 5.59 11.18
CAK Y01 C . -19.02 5.75 12.13
CAI Y01 C . -18.93 6.89 12.94
CAZ Y01 C . -18.13 8.00 12.68
CAV Y01 C . -18.24 9.05 13.71
CBH Y01 C . -17.28 8.03 11.47
CAD Y01 C . -15.82 7.97 11.87
CAT Y01 C . -17.53 9.42 10.89
CAR Y01 C . -17.18 10.54 11.88
CBC Y01 C . -18.04 10.46 13.16
OAW Y01 C . -17.44 11.11 14.27
CAY Y01 C . -17.87 12.37 14.54
OAG Y01 C . -19.12 12.43 14.61
CAM Y01 C . -16.94 13.50 14.72
CAL Y01 C . -16.91 14.02 16.14
CAX Y01 C . -15.98 15.25 16.28
OAH Y01 C . -16.20 16.22 15.52
OAF Y01 C . -15.07 15.17 17.13
CAA Y01 D . -13.32 -1.54 -2.08
CBA Y01 D . -14.77 -1.13 -1.89
CAB Y01 D . -15.58 -1.40 -3.17
CAN Y01 D . -14.97 0.33 -1.44
CAJ Y01 D . -13.71 1.16 -1.19
CAO Y01 D . -13.76 1.89 0.15
CBB Y01 D . -14.45 3.26 0.04
CAC Y01 D . -15.83 3.19 0.68
CBE Y01 D . -13.51 4.30 0.70
CAP Y01 D . -12.08 4.12 0.09
CAQ Y01 D . -11.45 5.52 0.01
CBG Y01 D . -12.35 6.32 0.92
CBI Y01 D . -13.73 5.82 0.53
CAE Y01 D . -14.11 6.23 -0.90
CAU Y01 D . -14.70 6.43 1.54
CAS Y01 D . -14.61 7.97 1.62
CBF Y01 D . -13.20 8.51 1.84
CBD Y01 D . -12.23 7.83 0.88
CAK Y01 D . -10.81 8.22 1.25
CAI Y01 D . -10.64 9.58 1.56
CAZ Y01 D . -11.66 10.48 1.77
CAV Y01 D . -11.19 11.84 2.08
CBH Y01 D . -13.08 10.04 1.69
CAD Y01 D . -13.67 10.52 0.38
CAT Y01 D . -13.83 10.74 2.84
CAR Y01 D . -13.53 12.24 2.96
CBC Y01 D . -12.04 12.47 3.17
OAW Y01 D . -11.66 13.83 3.10
CAY Y01 D . -10.94 14.31 4.15
OAG Y01 D . -11.67 14.75 5.06
CAM Y01 D . -9.46 14.31 4.18
CAL Y01 D . -8.87 15.44 5.00
CAX Y01 D . -9.34 16.82 4.50
OAH Y01 D . -9.46 17.71 5.37
OAF Y01 D . -9.56 16.92 3.27
CAA Y01 E . 10.14 -8.87 -1.60
CBA Y01 E . 11.61 -9.23 -1.77
CAB Y01 E . 11.93 -10.55 -1.06
CAN Y01 E . 12.59 -8.13 -1.32
CAJ Y01 E . 11.98 -6.82 -0.81
CAO Y01 E . 12.62 -5.60 -1.46
CBB Y01 E . 13.88 -5.13 -0.70
CAC Y01 E . 15.13 -5.49 -1.50
CBE Y01 E . 13.72 -3.61 -0.45
CAP Y01 E . 12.32 -3.36 0.18
CAQ Y01 E . 12.47 -2.19 1.17
CBG Y01 E . 13.79 -1.60 0.75
CBI Y01 E . 14.64 -2.84 0.53
CAE Y01 E . 14.91 -3.60 1.83
CAU Y01 E . 15.95 -2.35 -0.09
CAS Y01 E . 16.66 -1.28 0.75
CBF Y01 E . 15.77 -0.08 1.14
CBD Y01 E . 14.44 -0.60 1.68
CAK Y01 E . 13.50 0.58 1.86
CAI Y01 E . 14.09 1.71 2.44
CAZ Y01 E . 15.44 1.91 2.61
CAV Y01 E . 15.78 3.20 3.24
CBH Y01 E . 16.41 0.87 2.17
CAD Y01 E . 16.92 0.12 3.38
CAT Y01 E . 17.59 1.61 1.53
CAR Y01 E . 18.12 2.79 2.36
CBC Y01 E . 17.01 3.80 2.59
OAW Y01 E . 17.36 4.83 3.50
CAY Y01 E . 17.17 6.11 3.07
OAG Y01 E . 18.17 6.55 2.47
CAM Y01 E . 15.92 6.86 3.31
CAL Y01 E . 16.13 8.36 3.42
CAX Y01 E . 17.14 8.72 4.53
OAH Y01 E . 17.85 9.74 4.34
OAF Y01 E . 17.16 7.96 5.53
CAA Y01 F . 12.05 -5.95 -10.45
CBA Y01 F . 13.50 -5.63 -10.76
CAB Y01 F . 14.43 -6.68 -10.14
CAN Y01 F . 13.92 -4.21 -10.35
CAJ Y01 F . 14.73 -4.06 -9.06
CAO Y01 F . 15.86 -3.03 -9.20
CBB Y01 F . 16.50 -2.65 -7.85
CAC Y01 F . 16.58 -3.86 -6.93
CBE Y01 F . 17.89 -1.98 -8.11
CAP Y01 F . 18.34 -2.25 -9.60
CAQ Y01 F . 19.04 -0.96 -10.09
CBG Y01 F . 19.39 -0.30 -8.76
CBI Y01 F . 18.09 -0.45 -7.97
CAE Y01 F . 16.94 0.35 -8.55
CAU Y01 F . 18.42 0.00 -6.55
CAS Y01 F . 19.03 1.42 -6.48
CBF Y01 F . 20.24 1.66 -7.41
CBD Y01 F . 19.91 1.13 -8.80
CAK Y01 F . 21.14 1.19 -9.67
CAI Y01 F . 21.78 2.44 -9.64
CAZ Y01 F . 21.61 3.41 -8.65
CAV Y01 F . 22.42 4.62 -8.88
CBH Y01 F . 20.70 3.15 -7.51
CAD Y01 F . 19.50 4.08 -7.60
CAT Y01 F . 21.50 3.58 -6.29
CAR Y01 F . 21.94 5.05 -6.37
CBC Y01 F . 22.85 5.31 -7.58
OAW Y01 F . 22.87 6.67 -7.98
CAY Y01 F . 23.92 7.42 -7.54
OAG Y01 F . 25.02 6.87 -7.79
CAM Y01 F . 23.73 8.72 -6.86
CAL Y01 F . 24.21 9.89 -7.68
CAX Y01 F . 24.06 11.22 -6.91
OAH Y01 F . 24.60 11.29 -5.79
OAF Y01 F . 23.40 12.12 -7.47
#